data_5MIF
#
_entry.id   5MIF
#
_cell.length_a   158.898
_cell.length_b   158.898
_cell.length_c   226.809
_cell.angle_alpha   90.00
_cell.angle_beta   90.00
_cell.angle_gamma   120.00
#
_symmetry.space_group_name_H-M   'P 65 2 2'
#
loop_
_entity.id
_entity.type
_entity.pdbx_description
1 polymer "'Carboxyl esterase 2"
2 non-polymer 'FRAGMENT OF TRITON X-100'
3 water water
#
_entity_poly.entity_id   1
_entity_poly.type   'polypeptide(L)'
_entity_poly.pdbx_seq_one_letter_code
;MRFTILSVLAFSLPLVLAETPAPSCPVTNVTTPQLDPITQAYADAISSRPSLFAFPLPEIRDGYQSNVSDPSTEFTTKIL
SLPVGPTGNVTAYLYKPVSGEREKGKDLLPVIAYFHGGGWVFGGPKSYRGLITNLIRESGAAVFFVDYTLTPKVAYPVPN
EQCYAAVQWLLEHGEKLGVDPTNMGFGGDSAGGELSSSVSLLSIKRKTPLPKFQVLIYPATDLACESATFKEFPNGPGLT
TDEIRFAASLFTPDPKSRLEDVASPGRASDEDLAKFPETLIVVAEVDPIRQQGEDFGRRLQKLGVRAAIIRVLGTIHGFA
SIDVLSEAPGAKATIELIGYKFKKALH
;
_entity_poly.pdbx_strand_id   A,B,C,D
#
loop_
_chem_comp.id
_chem_comp.type
_chem_comp.name
_chem_comp.formula
TRT non-polymer 'FRAGMENT OF TRITON X-100' 'C21 H36 O4'
#
# COMPACT_ATOMS: atom_id res chain seq x y z
N GLN A 34 7.39 -37.69 -16.99
CA GLN A 34 6.27 -36.88 -17.45
C GLN A 34 6.10 -35.61 -16.62
N LEU A 35 6.35 -35.70 -15.31
CA LEU A 35 6.28 -34.53 -14.45
C LEU A 35 7.66 -33.90 -14.31
N ASP A 36 7.74 -32.57 -14.27
CA ASP A 36 9.01 -31.90 -14.01
C ASP A 36 9.42 -32.18 -12.56
N PRO A 37 10.73 -32.14 -12.25
CA PRO A 37 11.26 -32.48 -10.91
C PRO A 37 10.61 -31.75 -9.74
N ILE A 38 10.34 -30.46 -9.86
CA ILE A 38 9.74 -29.72 -8.75
C ILE A 38 8.34 -30.20 -8.44
N THR A 39 7.56 -30.42 -9.50
CA THR A 39 6.19 -30.89 -9.38
C THR A 39 6.16 -32.34 -8.88
N GLN A 40 7.09 -33.14 -9.40
CA GLN A 40 7.25 -34.53 -8.98
C GLN A 40 7.60 -34.61 -7.48
N ALA A 41 8.50 -33.74 -7.04
CA ALA A 41 8.89 -33.68 -5.63
C ALA A 41 7.70 -33.33 -4.74
N TYR A 42 6.89 -32.39 -5.20
CA TYR A 42 5.68 -32.03 -4.46
C TYR A 42 4.68 -33.19 -4.39
N ALA A 43 4.47 -33.85 -5.53
CA ALA A 43 3.56 -34.98 -5.61
C ALA A 43 4.03 -36.11 -4.69
N ASP A 44 5.34 -36.33 -4.66
CA ASP A 44 5.89 -37.38 -3.80
C ASP A 44 5.65 -37.05 -2.33
N ALA A 45 5.92 -35.80 -1.95
CA ALA A 45 5.76 -35.35 -0.57
C ALA A 45 4.32 -35.41 -0.02
N ILE A 46 3.31 -35.41 -0.90
CA ILE A 46 1.93 -35.41 -0.41
C ILE A 46 1.21 -36.71 -0.73
N SER A 47 1.92 -37.64 -1.34
CA SER A 47 1.37 -38.95 -1.65
C SER A 47 1.12 -39.64 -0.32
N SER A 48 1.87 -39.21 0.68
CA SER A 48 1.81 -39.71 2.05
C SER A 48 0.65 -39.14 2.86
N ARG A 49 -0.01 -38.12 2.32
CA ARG A 49 -1.06 -37.39 3.04
C ARG A 49 -2.48 -37.93 2.80
N PRO A 50 -3.30 -37.99 3.86
CA PRO A 50 -4.71 -38.35 3.64
C PRO A 50 -5.38 -37.19 2.94
N SER A 51 -6.31 -37.47 2.03
CA SER A 51 -7.04 -36.40 1.34
C SER A 51 -7.81 -35.51 2.32
N LEU A 52 -7.82 -34.21 2.07
CA LEU A 52 -8.55 -33.31 2.95
C LEU A 52 -10.02 -33.20 2.57
N PHE A 53 -10.37 -33.76 1.42
CA PHE A 53 -11.76 -33.76 0.98
C PHE A 53 -12.48 -34.98 1.56
N ALA A 54 -12.72 -34.92 2.87
CA ALA A 54 -13.39 -35.98 3.59
C ALA A 54 -13.92 -35.46 4.91
N PHE A 55 -14.87 -36.20 5.49
CA PHE A 55 -15.43 -35.84 6.78
C PHE A 55 -14.60 -36.43 7.93
N PRO A 56 -14.52 -35.71 9.07
CA PRO A 56 -15.11 -34.37 9.27
C PRO A 56 -14.27 -33.26 8.64
N LEU A 57 -14.93 -32.22 8.13
CA LEU A 57 -14.21 -31.07 7.59
C LEU A 57 -13.68 -30.21 8.72
N PRO A 58 -12.48 -29.63 8.55
CA PRO A 58 -11.92 -28.65 9.49
C PRO A 58 -12.81 -27.43 9.62
N GLU A 59 -12.76 -26.70 10.73
CA GLU A 59 -13.59 -25.51 10.80
C GLU A 59 -12.76 -24.31 10.34
N ILE A 60 -11.46 -24.50 10.24
CA ILE A 60 -10.68 -23.50 9.53
C ILE A 60 -10.53 -23.97 8.09
N ARG A 61 -11.06 -23.18 7.15
CA ARG A 61 -11.08 -23.59 5.75
C ARG A 61 -10.05 -22.82 4.92
N ASP A 62 -9.46 -21.80 5.53
CA ASP A 62 -8.51 -20.96 4.85
C ASP A 62 -7.29 -20.66 5.73
N GLY A 63 -6.09 -20.85 5.19
CA GLY A 63 -4.88 -20.52 5.91
C GLY A 63 -3.68 -20.28 5.02
N TYR A 64 -2.66 -19.64 5.58
CA TYR A 64 -1.44 -19.34 4.83
C TYR A 64 -0.70 -20.61 4.50
N GLN A 65 -0.10 -20.63 3.32
CA GLN A 65 0.75 -21.74 2.93
C GLN A 65 2.14 -21.65 3.57
N SER A 66 2.54 -20.44 3.96
CA SER A 66 3.80 -20.25 4.68
C SER A 66 3.73 -19.01 5.57
N SER A 72 7.23 -8.99 -1.55
CA SER A 72 7.97 -7.86 -2.11
C SER A 72 7.04 -6.87 -2.81
N THR A 73 5.99 -7.39 -3.45
CA THR A 73 4.93 -6.54 -3.98
C THR A 73 3.96 -6.21 -2.86
N GLU A 74 3.76 -4.92 -2.61
CA GLU A 74 2.81 -4.47 -1.62
C GLU A 74 1.51 -4.01 -2.23
N PHE A 75 0.44 -4.14 -1.46
CA PHE A 75 -0.88 -3.68 -1.88
C PHE A 75 -1.71 -3.28 -0.66
N THR A 76 -2.68 -2.40 -0.87
CA THR A 76 -3.61 -2.06 0.20
C THR A 76 -4.78 -3.04 0.20
N THR A 77 -5.42 -3.16 1.37
CA THR A 77 -6.57 -4.05 1.57
C THR A 77 -7.77 -3.27 2.10
N LYS A 78 -8.91 -3.34 1.41
CA LYS A 78 -10.14 -2.83 2.00
C LYS A 78 -11.10 -4.01 2.19
N ILE A 79 -11.49 -4.23 3.45
CA ILE A 79 -12.39 -5.32 3.81
C ILE A 79 -13.85 -4.89 3.67
N LEU A 80 -14.58 -5.60 2.82
CA LEU A 80 -15.95 -5.21 2.49
C LEU A 80 -16.97 -6.27 2.92
N SER A 81 -17.98 -5.82 3.67
CA SER A 81 -19.13 -6.66 3.97
C SER A 81 -20.29 -6.17 3.12
N LEU A 82 -20.55 -6.83 2.00
CA LEU A 82 -21.55 -6.32 1.07
C LEU A 82 -22.92 -6.87 1.46
N PRO A 83 -23.88 -5.96 1.75
CA PRO A 83 -25.22 -6.38 2.17
C PRO A 83 -26.06 -6.80 0.97
N VAL A 84 -25.59 -7.82 0.25
CA VAL A 84 -26.21 -8.21 -1.02
C VAL A 84 -26.23 -9.72 -1.14
N GLY A 85 -26.94 -10.24 -2.14
CA GLY A 85 -26.88 -11.66 -2.41
C GLY A 85 -27.85 -12.49 -1.59
N PRO A 86 -27.84 -13.81 -1.83
CA PRO A 86 -28.86 -14.70 -1.25
C PRO A 86 -28.88 -14.75 0.27
N THR A 87 -27.74 -14.52 0.92
CA THR A 87 -27.68 -14.61 2.39
C THR A 87 -27.72 -13.26 3.08
N GLY A 88 -27.78 -12.18 2.30
CA GLY A 88 -27.74 -10.86 2.87
C GLY A 88 -26.32 -10.34 3.10
N ASN A 89 -25.32 -11.20 2.95
CA ASN A 89 -23.95 -10.71 3.02
C ASN A 89 -23.00 -11.46 2.09
N VAL A 90 -22.10 -10.70 1.49
CA VAL A 90 -20.96 -11.29 0.78
C VAL A 90 -19.71 -10.55 1.26
N THR A 91 -18.74 -11.31 1.72
CA THR A 91 -17.47 -10.75 2.12
C THR A 91 -16.57 -10.59 0.89
N ALA A 92 -16.00 -9.40 0.73
CA ALA A 92 -15.08 -9.17 -0.38
C ALA A 92 -13.86 -8.38 0.09
N TYR A 93 -12.71 -8.67 -0.48
CA TYR A 93 -11.51 -7.91 -0.21
C TYR A 93 -11.08 -7.15 -1.48
N LEU A 94 -10.94 -5.83 -1.40
CA LEU A 94 -10.42 -5.08 -2.54
C LEU A 94 -8.93 -4.82 -2.33
N TYR A 95 -8.10 -5.44 -3.18
CA TYR A 95 -6.66 -5.22 -3.11
C TYR A 95 -6.19 -4.29 -4.21
N LYS A 96 -5.46 -3.24 -3.84
CA LYS A 96 -4.95 -2.26 -4.80
C LYS A 96 -3.43 -2.10 -4.72
N PRO A 97 -2.75 -2.08 -5.87
CA PRO A 97 -1.32 -1.77 -5.85
C PRO A 97 -1.04 -0.35 -5.30
N VAL A 98 0.13 -0.16 -4.72
CA VAL A 98 0.52 1.14 -4.17
C VAL A 98 0.80 2.14 -5.31
N SER A 99 0.78 3.43 -4.99
CA SER A 99 1.02 4.46 -6.01
C SER A 99 2.51 4.67 -6.34
N ASP A 107 -6.01 7.11 -13.67
CA ASP A 107 -6.52 7.51 -12.37
C ASP A 107 -7.27 6.38 -11.68
N LEU A 108 -8.32 5.87 -12.32
CA LEU A 108 -9.01 4.69 -11.82
C LEU A 108 -8.26 3.42 -12.22
N LEU A 109 -8.03 2.55 -11.24
CA LEU A 109 -7.35 1.30 -11.50
C LEU A 109 -8.26 0.32 -12.22
N PRO A 110 -7.71 -0.46 -13.16
CA PRO A 110 -8.47 -1.60 -13.67
C PRO A 110 -8.69 -2.58 -12.52
N VAL A 111 -9.70 -3.43 -12.59
CA VAL A 111 -9.97 -4.33 -11.47
C VAL A 111 -10.29 -5.74 -11.93
N ILE A 112 -9.66 -6.71 -11.27
CA ILE A 112 -9.93 -8.11 -11.55
C ILE A 112 -10.83 -8.69 -10.46
N ALA A 113 -12.07 -9.06 -10.80
CA ALA A 113 -12.91 -9.81 -9.88
C ALA A 113 -12.39 -11.24 -9.89
N TYR A 114 -11.89 -11.71 -8.74
CA TYR A 114 -11.31 -13.04 -8.69
C TYR A 114 -12.14 -14.03 -7.84
N PHE A 115 -12.39 -15.21 -8.40
CA PHE A 115 -13.17 -16.25 -7.74
C PHE A 115 -12.27 -17.45 -7.47
N HIS A 116 -11.93 -17.68 -6.20
CA HIS A 116 -10.90 -18.65 -5.85
C HIS A 116 -11.40 -20.07 -5.93
N GLY A 117 -10.47 -21.02 -6.05
CA GLY A 117 -10.81 -22.43 -6.07
C GLY A 117 -10.63 -23.05 -4.69
N GLY A 118 -10.60 -24.37 -4.63
CA GLY A 118 -10.63 -25.11 -3.38
C GLY A 118 -11.85 -26.03 -3.30
N GLY A 119 -12.40 -26.40 -4.45
CA GLY A 119 -13.49 -27.37 -4.49
C GLY A 119 -14.79 -26.92 -3.84
N TRP A 120 -14.99 -25.60 -3.74
CA TRP A 120 -16.13 -24.95 -3.09
C TRP A 120 -16.14 -25.16 -1.57
N VAL A 121 -15.23 -25.99 -1.05
CA VAL A 121 -15.12 -26.31 0.38
C VAL A 121 -14.00 -25.55 1.09
N PHE A 122 -12.89 -25.32 0.39
CA PHE A 122 -11.71 -24.66 0.97
C PHE A 122 -11.31 -23.37 0.24
N GLY A 123 -10.40 -22.64 0.85
CA GLY A 123 -9.81 -21.48 0.22
C GLY A 123 -10.34 -20.19 0.81
N GLY A 124 -9.70 -19.08 0.44
CA GLY A 124 -10.03 -17.76 0.94
C GLY A 124 -8.81 -16.89 0.72
N PRO A 125 -8.81 -15.67 1.26
CA PRO A 125 -7.72 -14.74 1.00
C PRO A 125 -6.34 -15.24 1.47
N LYS A 126 -6.28 -16.06 2.51
CA LYS A 126 -4.99 -16.50 3.04
C LYS A 126 -4.29 -17.48 2.12
N SER A 127 -5.00 -18.52 1.73
CA SER A 127 -4.42 -19.56 0.89
C SER A 127 -4.12 -19.06 -0.51
N TYR A 128 -4.77 -17.97 -0.90
CA TYR A 128 -4.59 -17.42 -2.24
C TYR A 128 -3.72 -16.17 -2.24
N ARG A 129 -3.05 -15.87 -1.12
CA ARG A 129 -2.24 -14.67 -1.03
C ARG A 129 -1.12 -14.65 -2.08
N GLY A 130 -0.51 -15.80 -2.33
CA GLY A 130 0.56 -15.91 -3.31
C GLY A 130 0.10 -15.59 -4.73
N LEU A 131 -1.02 -16.14 -5.13
CA LEU A 131 -1.57 -15.88 -6.45
C LEU A 131 -2.04 -14.43 -6.58
N ILE A 132 -2.70 -13.92 -5.55
CA ILE A 132 -3.16 -12.54 -5.58
C ILE A 132 -2.00 -11.56 -5.75
N THR A 133 -0.91 -11.82 -5.02
CA THR A 133 0.30 -10.99 -5.10
C THR A 133 0.89 -11.00 -6.52
N ASN A 134 1.04 -12.20 -7.08
CA ASN A 134 1.50 -12.38 -8.44
C ASN A 134 0.63 -11.60 -9.44
N LEU A 135 -0.68 -11.75 -9.33
CA LEU A 135 -1.63 -11.04 -10.18
C LEU A 135 -1.44 -9.54 -10.07
N ILE A 136 -1.33 -9.06 -8.84
CA ILE A 136 -1.16 -7.63 -8.63
C ILE A 136 0.19 -7.17 -9.18
N ARG A 137 1.24 -7.94 -8.95
CA ARG A 137 2.56 -7.54 -9.44
C ARG A 137 2.56 -7.45 -10.97
N GLU A 138 2.03 -8.48 -11.62
CA GLU A 138 2.09 -8.55 -13.08
C GLU A 138 1.02 -7.74 -13.81
N SER A 139 -0.18 -7.64 -13.25
CA SER A 139 -1.26 -6.96 -13.97
C SER A 139 -1.29 -5.45 -13.75
N GLY A 140 -0.80 -5.01 -12.59
CA GLY A 140 -0.92 -3.61 -12.20
C GLY A 140 -2.36 -3.22 -11.89
N ALA A 141 -3.25 -4.20 -11.86
CA ALA A 141 -4.66 -3.93 -11.59
C ALA A 141 -5.00 -4.21 -10.12
N ALA A 142 -6.13 -3.66 -9.70
CA ALA A 142 -6.73 -4.04 -8.42
C ALA A 142 -7.32 -5.43 -8.53
N VAL A 143 -7.42 -6.13 -7.39
CA VAL A 143 -8.05 -7.45 -7.32
C VAL A 143 -9.23 -7.39 -6.34
N PHE A 144 -10.41 -7.74 -6.86
CA PHE A 144 -11.65 -7.81 -6.09
C PHE A 144 -11.87 -9.28 -5.78
N PHE A 145 -11.41 -9.69 -4.60
CA PHE A 145 -11.39 -11.10 -4.23
C PHE A 145 -12.66 -11.44 -3.43
N VAL A 146 -13.54 -12.26 -4.03
CA VAL A 146 -14.81 -12.58 -3.41
C VAL A 146 -14.68 -13.78 -2.47
N ASP A 147 -14.90 -13.54 -1.19
CA ASP A 147 -14.78 -14.58 -0.18
C ASP A 147 -16.15 -15.20 0.09
N TYR A 148 -16.65 -15.92 -0.92
CA TYR A 148 -18.00 -16.48 -0.87
C TYR A 148 -18.12 -17.58 0.20
N THR A 149 -19.34 -17.90 0.61
CA THR A 149 -19.55 -18.91 1.65
C THR A 149 -19.23 -20.32 1.14
N LEU A 150 -18.51 -21.09 1.95
CA LEU A 150 -18.07 -22.42 1.56
C LEU A 150 -19.10 -23.52 1.84
N THR A 151 -19.05 -24.61 1.10
CA THR A 151 -19.89 -25.77 1.38
C THR A 151 -19.37 -26.50 2.64
N PRO A 152 -20.27 -27.20 3.35
CA PRO A 152 -21.70 -27.34 3.06
C PRO A 152 -22.58 -26.34 3.81
N LYS A 153 -22.01 -25.26 4.33
CA LYS A 153 -22.80 -24.22 4.97
C LYS A 153 -23.86 -23.70 4.00
N VAL A 154 -23.49 -23.61 2.72
CA VAL A 154 -24.45 -23.38 1.65
C VAL A 154 -24.19 -24.39 0.53
N ALA A 155 -25.05 -24.38 -0.48
CA ALA A 155 -24.83 -25.21 -1.65
C ALA A 155 -25.13 -24.44 -2.92
N TYR A 156 -24.78 -25.02 -4.06
CA TYR A 156 -25.21 -24.48 -5.34
C TYR A 156 -26.68 -24.14 -5.27
N PRO A 157 -27.09 -22.99 -5.84
CA PRO A 157 -26.36 -21.96 -6.57
C PRO A 157 -25.98 -20.75 -5.73
N VAL A 158 -25.93 -20.91 -4.41
CA VAL A 158 -25.71 -19.76 -3.54
C VAL A 158 -24.30 -19.13 -3.72
N PRO A 159 -23.23 -19.94 -3.76
CA PRO A 159 -21.93 -19.28 -4.00
C PRO A 159 -21.88 -18.56 -5.36
N ASN A 160 -22.50 -19.16 -6.38
CA ASN A 160 -22.62 -18.53 -7.69
C ASN A 160 -23.30 -17.17 -7.60
N GLU A 161 -24.43 -17.13 -6.90
CA GLU A 161 -25.22 -15.90 -6.78
C GLU A 161 -24.54 -14.90 -5.87
N GLN A 162 -23.78 -15.37 -4.89
CA GLN A 162 -23.00 -14.47 -4.06
C GLN A 162 -21.98 -13.74 -4.95
N CYS A 163 -21.26 -14.52 -5.76
CA CYS A 163 -20.25 -13.98 -6.66
C CYS A 163 -20.88 -13.03 -7.65
N TYR A 164 -22.01 -13.44 -8.22
CA TYR A 164 -22.73 -12.57 -9.14
C TYR A 164 -23.12 -11.28 -8.45
N ALA A 165 -23.70 -11.38 -7.24
CA ALA A 165 -24.17 -10.18 -6.54
C ALA A 165 -23.04 -9.22 -6.14
N ALA A 166 -21.89 -9.79 -5.78
CA ALA A 166 -20.72 -8.97 -5.43
C ALA A 166 -20.24 -8.19 -6.66
N VAL A 167 -20.25 -8.83 -7.82
CA VAL A 167 -19.86 -8.14 -9.05
C VAL A 167 -20.81 -6.98 -9.35
N GLN A 168 -22.11 -7.19 -9.17
CA GLN A 168 -23.09 -6.13 -9.43
C GLN A 168 -22.85 -4.94 -8.50
N TRP A 169 -22.48 -5.22 -7.27
CA TRP A 169 -22.11 -4.19 -6.31
C TRP A 169 -20.87 -3.43 -6.76
N LEU A 170 -19.85 -4.15 -7.22
CA LEU A 170 -18.61 -3.55 -7.69
C LEU A 170 -18.92 -2.63 -8.88
N LEU A 171 -19.81 -3.07 -9.76
CA LEU A 171 -20.20 -2.29 -10.92
C LEU A 171 -20.78 -0.92 -10.52
N GLU A 172 -21.57 -0.90 -9.47
CA GLU A 172 -22.24 0.32 -9.02
C GLU A 172 -21.36 1.21 -8.15
N HIS A 173 -20.49 0.61 -7.34
CA HIS A 173 -19.79 1.36 -6.31
C HIS A 173 -18.28 1.44 -6.49
N GLY A 174 -17.75 0.76 -7.50
CA GLY A 174 -16.33 0.62 -7.67
C GLY A 174 -15.60 1.95 -7.80
N GLU A 175 -16.21 2.87 -8.54
CA GLU A 175 -15.59 4.15 -8.82
C GLU A 175 -15.23 4.85 -7.51
N LYS A 176 -16.09 4.71 -6.50
CA LYS A 176 -15.88 5.34 -5.21
C LYS A 176 -14.74 4.70 -4.42
N LEU A 177 -14.31 3.54 -4.87
CA LEU A 177 -13.17 2.86 -4.27
C LEU A 177 -11.90 3.02 -5.08
N GLY A 178 -12.01 3.77 -6.18
CA GLY A 178 -10.83 4.07 -6.99
C GLY A 178 -10.56 3.03 -8.06
N VAL A 179 -11.56 2.24 -8.42
CA VAL A 179 -11.39 1.29 -9.51
C VAL A 179 -12.38 1.61 -10.61
N ASP A 180 -12.08 1.13 -11.81
CA ASP A 180 -12.91 1.40 -12.97
C ASP A 180 -13.72 0.18 -13.35
N PRO A 181 -15.01 0.16 -12.98
CA PRO A 181 -15.85 -1.00 -13.27
C PRO A 181 -16.03 -1.27 -14.76
N THR A 182 -15.72 -0.30 -15.61
CA THR A 182 -15.78 -0.51 -17.05
C THR A 182 -14.51 -1.12 -17.58
N ASN A 183 -13.50 -1.25 -16.74
CA ASN A 183 -12.31 -1.99 -17.11
C ASN A 183 -12.09 -3.22 -16.24
N MET A 184 -12.99 -4.19 -16.34
CA MET A 184 -13.03 -5.30 -15.40
C MET A 184 -12.58 -6.62 -16.02
N GLY A 185 -11.79 -7.38 -15.26
CA GLY A 185 -11.50 -8.74 -15.64
C GLY A 185 -12.17 -9.71 -14.68
N PHE A 186 -12.39 -10.93 -15.16
CA PHE A 186 -12.75 -12.09 -14.34
C PHE A 186 -11.57 -13.05 -14.32
N GLY A 187 -11.28 -13.60 -13.14
CA GLY A 187 -10.34 -14.70 -13.05
C GLY A 187 -10.91 -15.75 -12.09
N GLY A 188 -10.59 -17.02 -12.35
CA GLY A 188 -10.99 -18.08 -11.43
C GLY A 188 -10.25 -19.37 -11.74
N ASP A 189 -9.93 -20.13 -10.70
CA ASP A 189 -9.19 -21.38 -10.85
C ASP A 189 -10.02 -22.54 -10.33
N SER A 190 -10.04 -23.64 -11.09
CA SER A 190 -10.69 -24.88 -10.66
C SER A 190 -12.19 -24.64 -10.38
N ALA A 191 -12.61 -24.84 -9.13
CA ALA A 191 -13.98 -24.52 -8.74
C ALA A 191 -14.29 -23.03 -8.99
N GLY A 192 -13.29 -22.17 -8.81
CA GLY A 192 -13.44 -20.76 -9.09
C GLY A 192 -13.61 -20.49 -10.58
N GLY A 193 -13.12 -21.42 -11.39
CA GLY A 193 -13.30 -21.33 -12.83
C GLY A 193 -14.72 -21.64 -13.18
N GLU A 194 -15.33 -22.58 -12.45
CA GLU A 194 -16.77 -22.82 -12.57
C GLU A 194 -17.52 -21.56 -12.18
N LEU A 195 -17.12 -20.92 -11.09
CA LEU A 195 -17.80 -19.72 -10.63
C LEU A 195 -17.65 -18.55 -11.61
N SER A 196 -16.44 -18.38 -12.16
CA SER A 196 -16.18 -17.28 -13.09
C SER A 196 -17.07 -17.40 -14.32
N SER A 197 -17.06 -18.58 -14.93
CA SER A 197 -17.86 -18.80 -16.13
C SER A 197 -19.35 -18.80 -15.81
N SER A 198 -19.71 -19.20 -14.59
CA SER A 198 -21.11 -19.14 -14.15
C SER A 198 -21.61 -17.71 -14.06
N VAL A 199 -20.80 -16.84 -13.46
CA VAL A 199 -21.15 -15.43 -13.33
C VAL A 199 -21.21 -14.73 -14.70
N SER A 200 -20.29 -15.12 -15.59
CA SER A 200 -20.36 -14.64 -16.97
C SER A 200 -21.72 -15.01 -17.59
N LEU A 201 -22.10 -16.27 -17.47
CA LEU A 201 -23.35 -16.77 -18.02
C LEU A 201 -24.57 -16.07 -17.42
N LEU A 202 -24.54 -15.86 -16.11
CA LEU A 202 -25.63 -15.16 -15.43
C LEU A 202 -25.70 -13.70 -15.91
N SER A 203 -24.56 -13.09 -16.19
CA SER A 203 -24.57 -11.73 -16.72
C SER A 203 -25.24 -11.68 -18.09
N ILE A 204 -24.99 -12.70 -18.90
CA ILE A 204 -25.60 -12.80 -20.22
C ILE A 204 -27.11 -12.98 -20.09
N LYS A 205 -27.54 -13.91 -19.24
CA LYS A 205 -28.96 -14.12 -18.98
C LYS A 205 -29.71 -12.90 -18.44
N ARG A 206 -29.04 -12.07 -17.64
CA ARG A 206 -29.73 -10.98 -16.96
C ARG A 206 -29.40 -9.64 -17.58
N LYS A 207 -28.62 -9.68 -18.65
CA LYS A 207 -28.19 -8.49 -19.40
C LYS A 207 -27.50 -7.45 -18.53
N THR A 208 -26.54 -7.92 -17.74
CA THR A 208 -25.71 -7.02 -16.94
C THR A 208 -24.27 -7.09 -17.47
N PRO A 209 -23.46 -6.05 -17.20
CA PRO A 209 -22.12 -5.96 -17.82
C PRO A 209 -21.18 -7.16 -17.60
N LEU A 210 -20.58 -7.59 -18.70
CA LEU A 210 -19.55 -8.61 -18.75
C LEU A 210 -18.18 -7.99 -18.57
N PRO A 211 -17.20 -8.78 -18.12
CA PRO A 211 -15.84 -8.22 -18.04
C PRO A 211 -15.24 -8.07 -19.43
N LYS A 212 -14.18 -7.26 -19.56
CA LYS A 212 -13.50 -7.12 -20.85
C LYS A 212 -12.71 -8.38 -21.19
N PHE A 213 -12.31 -9.11 -20.15
CA PHE A 213 -11.41 -10.23 -20.32
C PHE A 213 -11.59 -11.22 -19.17
N GLN A 214 -11.53 -12.51 -19.50
CA GLN A 214 -11.76 -13.55 -18.51
C GLN A 214 -10.65 -14.58 -18.59
N VAL A 215 -10.10 -14.96 -17.43
CA VAL A 215 -9.12 -16.03 -17.38
C VAL A 215 -9.66 -17.22 -16.55
N LEU A 216 -9.68 -18.40 -17.17
CA LEU A 216 -10.09 -19.62 -16.48
C LEU A 216 -8.88 -20.54 -16.35
N ILE A 217 -8.51 -20.87 -15.12
CA ILE A 217 -7.35 -21.70 -14.84
C ILE A 217 -7.83 -23.10 -14.44
N TYR A 218 -7.49 -24.13 -15.23
CA TYR A 218 -8.00 -25.52 -15.07
C TYR A 218 -9.41 -25.54 -14.50
N PRO A 219 -10.35 -24.90 -15.21
CA PRO A 219 -11.69 -24.71 -14.66
C PRO A 219 -12.49 -26.00 -14.65
N ALA A 220 -13.39 -26.11 -13.68
CA ALA A 220 -14.47 -27.10 -13.75
C ALA A 220 -15.56 -26.46 -14.59
N THR A 221 -15.99 -27.14 -15.64
CA THR A 221 -17.00 -26.58 -16.51
C THR A 221 -18.21 -27.49 -16.62
N ASP A 222 -18.02 -28.75 -16.25
CA ASP A 222 -19.09 -29.75 -16.36
C ASP A 222 -19.07 -30.64 -15.12
N LEU A 223 -20.06 -30.46 -14.26
CA LEU A 223 -20.10 -31.21 -13.00
C LEU A 223 -20.89 -32.51 -13.15
N ALA A 224 -21.59 -32.67 -14.27
CA ALA A 224 -22.49 -33.79 -14.47
C ALA A 224 -21.79 -34.97 -15.11
N CYS A 225 -21.00 -34.69 -16.15
CA CYS A 225 -20.40 -35.75 -16.93
C CYS A 225 -18.94 -35.92 -16.62
N GLU A 226 -18.47 -37.14 -16.80
CA GLU A 226 -17.06 -37.45 -16.72
C GLU A 226 -16.48 -37.45 -18.12
N SER A 227 -15.24 -36.99 -18.22
CA SER A 227 -14.59 -36.84 -19.50
C SER A 227 -13.40 -37.80 -19.60
N ALA A 228 -12.82 -37.88 -20.79
CA ALA A 228 -11.73 -38.81 -21.09
C ALA A 228 -10.59 -38.76 -20.06
N THR A 229 -10.20 -37.56 -19.62
CA THR A 229 -9.06 -37.46 -18.72
C THR A 229 -9.38 -37.92 -17.28
N PHE A 230 -10.66 -38.07 -16.93
CA PHE A 230 -11.02 -38.70 -15.66
C PHE A 230 -10.43 -40.10 -15.62
N LYS A 231 -10.59 -40.81 -16.72
CA LYS A 231 -10.08 -42.17 -16.89
C LYS A 231 -8.53 -42.19 -17.01
N GLU A 232 -7.97 -41.17 -17.64
CA GLU A 232 -6.53 -41.13 -17.86
C GLU A 232 -5.74 -40.85 -16.58
N PHE A 233 -6.27 -39.97 -15.73
CA PHE A 233 -5.60 -39.62 -14.48
C PHE A 233 -6.49 -39.79 -13.24
N PRO A 234 -7.05 -41.02 -13.03
CA PRO A 234 -8.08 -41.22 -11.99
C PRO A 234 -7.63 -40.82 -10.59
N ASN A 235 -6.35 -41.00 -10.27
CA ASN A 235 -5.85 -40.40 -9.05
C ASN A 235 -4.50 -39.74 -9.28
N GLY A 236 -4.18 -39.54 -10.57
CA GLY A 236 -2.96 -38.85 -11.00
C GLY A 236 -2.80 -37.62 -10.14
N PRO A 237 -1.58 -37.35 -9.65
CA PRO A 237 -1.39 -36.52 -8.45
C PRO A 237 -2.01 -35.14 -8.53
N GLY A 238 -2.25 -34.52 -7.36
CA GLY A 238 -2.75 -33.17 -7.30
C GLY A 238 -4.27 -33.07 -7.22
N LEU A 239 -4.97 -33.98 -7.88
CA LEU A 239 -6.41 -34.01 -7.91
C LEU A 239 -6.90 -35.39 -8.33
N THR A 240 -7.69 -36.04 -7.48
CA THR A 240 -8.17 -37.38 -7.79
C THR A 240 -9.65 -37.37 -8.15
N THR A 241 -10.11 -38.41 -8.80
CA THR A 241 -11.51 -38.52 -9.18
C THR A 241 -12.39 -38.59 -7.93
N ASP A 242 -11.87 -39.15 -6.84
CA ASP A 242 -12.62 -39.21 -5.60
C ASP A 242 -12.82 -37.84 -4.97
N GLU A 243 -11.78 -37.01 -5.00
CA GLU A 243 -11.88 -35.67 -4.46
C GLU A 243 -12.89 -34.84 -5.26
N ILE A 244 -12.92 -35.07 -6.57
CA ILE A 244 -13.87 -34.41 -7.46
C ILE A 244 -15.31 -34.76 -7.10
N ARG A 245 -15.57 -36.04 -6.88
CA ARG A 245 -16.90 -36.52 -6.57
C ARG A 245 -17.37 -35.97 -5.23
N PHE A 246 -16.44 -35.97 -4.26
CA PHE A 246 -16.72 -35.43 -2.95
C PHE A 246 -17.09 -33.95 -3.01
N ALA A 247 -16.28 -33.16 -3.71
CA ALA A 247 -16.54 -31.72 -3.82
C ALA A 247 -17.87 -31.48 -4.50
N ALA A 248 -18.14 -32.25 -5.57
CA ALA A 248 -19.38 -32.11 -6.32
C ALA A 248 -20.60 -32.52 -5.50
N SER A 249 -20.41 -33.47 -4.58
CA SER A 249 -21.51 -33.95 -3.74
C SER A 249 -21.86 -32.95 -2.65
N LEU A 250 -20.91 -32.11 -2.23
CA LEU A 250 -21.21 -31.06 -1.25
C LEU A 250 -21.77 -29.81 -1.90
N PHE A 251 -21.28 -29.50 -3.10
CA PHE A 251 -21.68 -28.28 -3.80
C PHE A 251 -23.00 -28.48 -4.55
N THR A 252 -23.13 -29.63 -5.21
CA THR A 252 -24.36 -30.00 -5.90
C THR A 252 -24.83 -31.39 -5.41
N PRO A 253 -25.37 -31.47 -4.18
CA PRO A 253 -25.83 -32.74 -3.61
C PRO A 253 -26.92 -33.40 -4.46
N ASP A 254 -27.74 -32.60 -5.14
CA ASP A 254 -28.73 -33.13 -6.08
C ASP A 254 -28.09 -33.25 -7.46
N PRO A 255 -27.83 -34.48 -7.93
CA PRO A 255 -27.17 -34.69 -9.22
C PRO A 255 -27.87 -34.01 -10.39
N LYS A 256 -29.17 -33.75 -10.30
CA LYS A 256 -29.88 -33.09 -11.39
C LYS A 256 -29.47 -31.64 -11.55
N SER A 257 -28.95 -31.04 -10.46
CA SER A 257 -28.46 -29.67 -10.50
C SER A 257 -27.28 -29.56 -11.43
N ARG A 258 -26.49 -30.63 -11.51
CA ARG A 258 -25.26 -30.62 -12.29
C ARG A 258 -25.48 -30.45 -13.79
N LEU A 259 -26.71 -30.68 -14.24
CA LEU A 259 -27.04 -30.56 -15.65
C LEU A 259 -27.38 -29.14 -16.05
N GLU A 260 -27.66 -28.30 -15.05
CA GLU A 260 -28.02 -26.92 -15.30
C GLU A 260 -26.82 -26.11 -15.80
N ASP A 261 -27.08 -25.17 -16.71
CA ASP A 261 -25.99 -24.41 -17.29
C ASP A 261 -25.33 -23.50 -16.24
N VAL A 262 -26.10 -23.00 -15.26
CA VAL A 262 -25.53 -22.17 -14.22
C VAL A 262 -24.50 -22.95 -13.40
N ALA A 263 -24.78 -24.23 -13.13
CA ALA A 263 -23.82 -25.10 -12.43
C ALA A 263 -22.65 -25.51 -13.33
N SER A 264 -23.00 -25.83 -14.58
CA SER A 264 -22.04 -26.38 -15.53
C SER A 264 -22.08 -25.56 -16.82
N PRO A 265 -21.33 -24.45 -16.87
CA PRO A 265 -21.42 -23.55 -18.02
C PRO A 265 -20.97 -24.19 -19.32
N GLY A 266 -20.24 -25.30 -19.22
CA GLY A 266 -19.90 -26.10 -20.37
C GLY A 266 -21.12 -26.66 -21.11
N ARG A 267 -22.26 -26.67 -20.42
CA ARG A 267 -23.50 -27.20 -20.97
C ARG A 267 -24.46 -26.08 -21.38
N ALA A 268 -23.98 -24.84 -21.36
CA ALA A 268 -24.83 -23.72 -21.73
C ALA A 268 -25.15 -23.80 -23.22
N SER A 269 -26.14 -23.04 -23.65
CA SER A 269 -26.53 -23.04 -25.06
C SER A 269 -25.49 -22.33 -25.94
N ASP A 270 -25.48 -22.70 -27.22
CA ASP A 270 -24.69 -22.00 -28.23
C ASP A 270 -24.97 -20.50 -28.19
N GLU A 271 -26.24 -20.14 -28.07
CA GLU A 271 -26.65 -18.75 -28.13
C GLU A 271 -26.08 -17.94 -26.96
N ASP A 272 -26.05 -18.53 -25.77
CA ASP A 272 -25.48 -17.85 -24.61
C ASP A 272 -23.94 -17.79 -24.67
N LEU A 273 -23.32 -18.93 -24.95
CA LEU A 273 -21.86 -19.02 -24.95
C LEU A 273 -21.23 -18.11 -26.01
N ALA A 274 -21.93 -17.92 -27.11
CA ALA A 274 -21.45 -17.06 -28.20
C ALA A 274 -21.29 -15.62 -27.72
N LYS A 275 -21.91 -15.31 -26.57
CA LYS A 275 -21.83 -13.96 -26.00
C LYS A 275 -20.78 -13.85 -24.89
N PHE A 276 -19.99 -14.90 -24.68
CA PHE A 276 -18.96 -14.84 -23.64
C PHE A 276 -17.91 -13.79 -23.93
N PRO A 277 -17.27 -13.26 -22.88
CA PRO A 277 -16.19 -12.29 -23.07
C PRO A 277 -14.98 -13.00 -23.64
N GLU A 278 -14.03 -12.28 -24.23
CA GLU A 278 -12.84 -12.97 -24.69
C GLU A 278 -12.14 -13.61 -23.49
N THR A 279 -11.72 -14.84 -23.71
CA THR A 279 -11.32 -15.72 -22.63
C THR A 279 -9.98 -16.42 -22.90
N LEU A 280 -9.13 -16.43 -21.88
CA LEU A 280 -7.91 -17.24 -21.91
C LEU A 280 -8.07 -18.44 -20.97
N ILE A 281 -7.89 -19.65 -21.49
CA ILE A 281 -7.95 -20.85 -20.68
C ILE A 281 -6.60 -21.53 -20.58
N VAL A 282 -6.17 -21.79 -19.35
CA VAL A 282 -4.90 -22.46 -19.11
C VAL A 282 -5.19 -23.77 -18.37
N VAL A 283 -4.65 -24.89 -18.84
CA VAL A 283 -4.90 -26.18 -18.19
C VAL A 283 -3.59 -26.88 -17.85
N ALA A 284 -3.62 -27.74 -16.83
CA ALA A 284 -2.47 -28.56 -16.51
C ALA A 284 -2.54 -29.86 -17.31
N GLU A 285 -1.39 -30.39 -17.71
CA GLU A 285 -1.37 -31.61 -18.52
C GLU A 285 -1.85 -32.82 -17.74
N VAL A 286 -1.30 -33.01 -16.55
CA VAL A 286 -1.60 -34.20 -15.75
C VAL A 286 -2.68 -33.84 -14.73
N ASP A 287 -3.93 -34.05 -15.14
CA ASP A 287 -5.09 -33.50 -14.46
C ASP A 287 -6.36 -34.15 -14.99
N PRO A 288 -7.13 -34.81 -14.10
CA PRO A 288 -8.41 -35.39 -14.49
C PRO A 288 -9.35 -34.38 -15.13
N ILE A 289 -9.27 -33.13 -14.69
CA ILE A 289 -10.24 -32.13 -15.13
C ILE A 289 -9.77 -31.39 -16.40
N ARG A 290 -8.60 -31.79 -16.92
CA ARG A 290 -8.02 -31.11 -18.09
C ARG A 290 -8.98 -31.05 -19.30
N GLN A 291 -9.64 -32.15 -19.61
CA GLN A 291 -10.52 -32.22 -20.78
C GLN A 291 -11.63 -31.16 -20.77
N GLN A 292 -12.15 -30.85 -19.59
CA GLN A 292 -13.26 -29.91 -19.46
C GLN A 292 -12.89 -28.51 -19.95
N GLY A 293 -11.74 -28.01 -19.52
CA GLY A 293 -11.27 -26.71 -19.94
C GLY A 293 -11.04 -26.63 -21.44
N GLU A 294 -10.39 -27.65 -22.00
CA GLU A 294 -10.05 -27.68 -23.42
C GLU A 294 -11.31 -27.75 -24.27
N ASP A 295 -12.24 -28.63 -23.90
CA ASP A 295 -13.52 -28.74 -24.61
C ASP A 295 -14.31 -27.44 -24.54
N PHE A 296 -14.31 -26.81 -23.36
CA PHE A 296 -15.02 -25.55 -23.20
C PHE A 296 -14.41 -24.48 -24.12
N GLY A 297 -13.08 -24.42 -24.16
CA GLY A 297 -12.40 -23.48 -25.04
C GLY A 297 -12.68 -23.70 -26.51
N ARG A 298 -12.64 -24.96 -26.95
CA ARG A 298 -12.93 -25.29 -28.36
C ARG A 298 -14.36 -24.86 -28.71
N ARG A 299 -15.25 -25.05 -27.75
CA ARG A 299 -16.63 -24.64 -27.93
C ARG A 299 -16.75 -23.10 -28.07
N LEU A 300 -16.02 -22.34 -27.25
CA LEU A 300 -15.99 -20.88 -27.40
C LEU A 300 -15.42 -20.46 -28.75
N GLN A 301 -14.38 -21.17 -29.19
CA GLN A 301 -13.74 -20.87 -30.47
C GLN A 301 -14.71 -21.04 -31.64
N LYS A 302 -15.37 -22.19 -31.66
CA LYS A 302 -16.38 -22.50 -32.68
C LYS A 302 -17.52 -21.49 -32.74
N LEU A 303 -17.84 -20.88 -31.61
CA LEU A 303 -18.96 -19.95 -31.54
C LEU A 303 -18.57 -18.52 -31.81
N GLY A 304 -17.30 -18.32 -32.12
CA GLY A 304 -16.82 -17.00 -32.55
C GLY A 304 -16.35 -16.11 -31.42
N VAL A 305 -16.20 -16.68 -30.22
CA VAL A 305 -15.61 -15.93 -29.12
C VAL A 305 -14.09 -15.99 -29.23
N ARG A 306 -13.41 -14.86 -29.03
CA ARG A 306 -11.95 -14.90 -29.00
C ARG A 306 -11.48 -15.68 -27.76
N ALA A 307 -11.02 -16.91 -27.97
CA ALA A 307 -10.63 -17.75 -26.86
C ALA A 307 -9.30 -18.44 -27.14
N ALA A 308 -8.34 -18.20 -26.24
CA ALA A 308 -7.04 -18.85 -26.32
C ALA A 308 -6.98 -20.00 -25.31
N ILE A 309 -6.44 -21.12 -25.75
CA ILE A 309 -6.30 -22.30 -24.87
C ILE A 309 -4.86 -22.81 -24.86
N ILE A 310 -4.32 -22.91 -23.66
CA ILE A 310 -2.94 -23.33 -23.45
C ILE A 310 -2.83 -24.47 -22.44
N ARG A 311 -2.12 -25.52 -22.85
CA ARG A 311 -1.84 -26.66 -22.00
C ARG A 311 -0.40 -26.62 -21.54
N VAL A 312 -0.20 -26.66 -20.23
CA VAL A 312 1.13 -26.61 -19.65
C VAL A 312 1.58 -28.03 -19.36
N LEU A 313 2.67 -28.46 -19.99
CA LEU A 313 3.10 -29.84 -19.82
C LEU A 313 3.88 -30.06 -18.52
N GLY A 314 3.78 -31.27 -17.99
CA GLY A 314 4.57 -31.67 -16.82
C GLY A 314 4.07 -31.15 -15.47
N THR A 315 2.88 -30.57 -15.45
CA THR A 315 2.37 -30.03 -14.19
C THR A 315 0.97 -30.56 -13.93
N ILE A 316 0.44 -30.23 -12.74
CA ILE A 316 -0.78 -30.83 -12.23
C ILE A 316 -1.78 -29.79 -11.75
N HIS A 317 -2.99 -30.24 -11.43
CA HIS A 317 -4.04 -29.37 -10.91
C HIS A 317 -3.54 -28.57 -9.70
N GLY A 318 -3.87 -27.28 -9.66
CA GLY A 318 -3.50 -26.44 -8.54
C GLY A 318 -2.21 -25.65 -8.72
N PHE A 319 -1.55 -25.78 -9.88
CA PHE A 319 -0.22 -25.18 -10.00
C PHE A 319 -0.23 -23.65 -9.85
N ALA A 320 -1.37 -23.01 -10.09
CA ALA A 320 -1.43 -21.56 -10.03
C ALA A 320 -1.56 -21.00 -8.61
N SER A 321 -2.03 -21.80 -7.66
CA SER A 321 -2.25 -21.28 -6.30
C SER A 321 -1.38 -21.97 -5.23
N ILE A 322 -0.82 -23.11 -5.56
CA ILE A 322 0.07 -23.82 -4.63
C ILE A 322 1.49 -23.29 -4.81
N ASP A 323 2.00 -22.61 -3.77
CA ASP A 323 3.28 -21.91 -3.83
C ASP A 323 4.43 -22.71 -4.44
N VAL A 324 4.61 -23.93 -3.94
CA VAL A 324 5.68 -24.80 -4.41
C VAL A 324 5.55 -25.11 -5.91
N LEU A 325 4.34 -25.45 -6.36
CA LEU A 325 4.10 -25.75 -7.77
C LEU A 325 4.29 -24.53 -8.67
N SER A 326 3.98 -23.36 -8.12
CA SER A 326 3.92 -22.15 -8.91
C SER A 326 5.29 -21.64 -9.32
N GLU A 327 6.36 -22.19 -8.73
CA GLU A 327 7.71 -21.74 -9.05
C GLU A 327 8.39 -22.60 -10.12
N ALA A 328 7.77 -23.72 -10.48
CA ALA A 328 8.23 -24.54 -11.60
C ALA A 328 8.10 -23.72 -12.89
N PRO A 329 8.98 -23.99 -13.88
CA PRO A 329 9.09 -23.13 -15.07
C PRO A 329 7.77 -22.89 -15.80
N GLY A 330 7.07 -23.97 -16.18
CA GLY A 330 5.81 -23.85 -16.89
C GLY A 330 4.74 -23.09 -16.13
N ALA A 331 4.59 -23.43 -14.85
CA ALA A 331 3.63 -22.75 -13.99
C ALA A 331 3.98 -21.27 -13.85
N LYS A 332 5.25 -20.99 -13.54
CA LYS A 332 5.69 -19.63 -13.35
C LYS A 332 5.44 -18.80 -14.60
N ALA A 333 5.73 -19.38 -15.76
CA ALA A 333 5.60 -18.66 -17.03
C ALA A 333 4.14 -18.32 -17.30
N THR A 334 3.25 -19.27 -17.01
CA THR A 334 1.86 -19.05 -17.35
C THR A 334 1.18 -18.12 -16.34
N ILE A 335 1.66 -18.12 -15.10
CA ILE A 335 1.13 -17.20 -14.11
C ILE A 335 1.46 -15.76 -14.50
N GLU A 336 2.68 -15.49 -14.94
CA GLU A 336 2.95 -14.12 -15.36
C GLU A 336 2.27 -13.78 -16.68
N LEU A 337 2.10 -14.75 -17.57
CA LEU A 337 1.32 -14.55 -18.79
C LEU A 337 -0.08 -14.06 -18.43
N ILE A 338 -0.71 -14.76 -17.48
CA ILE A 338 -2.06 -14.39 -17.03
C ILE A 338 -2.10 -12.95 -16.56
N GLY A 339 -1.20 -12.57 -15.65
CA GLY A 339 -1.14 -11.20 -15.17
C GLY A 339 -0.83 -10.23 -16.29
N TYR A 340 0.14 -10.60 -17.13
CA TYR A 340 0.52 -9.75 -18.26
C TYR A 340 -0.69 -9.53 -19.18
N LYS A 341 -1.44 -10.59 -19.43
CA LYS A 341 -2.58 -10.48 -20.33
C LYS A 341 -3.71 -9.64 -19.72
N PHE A 342 -3.90 -9.68 -18.40
CA PHE A 342 -4.85 -8.77 -17.76
C PHE A 342 -4.40 -7.30 -17.95
N LYS A 343 -3.10 -7.06 -17.80
CA LYS A 343 -2.56 -5.71 -17.97
C LYS A 343 -2.87 -5.18 -19.37
N LYS A 344 -2.66 -6.02 -20.37
CA LYS A 344 -2.85 -5.60 -21.75
C LYS A 344 -4.32 -5.46 -22.10
N ALA A 345 -5.16 -6.34 -21.58
CA ALA A 345 -6.57 -6.30 -21.93
C ALA A 345 -7.35 -5.20 -21.19
N LEU A 346 -6.91 -4.86 -19.99
CA LEU A 346 -7.72 -3.97 -19.16
C LEU A 346 -7.29 -2.50 -19.24
N HIS A 347 -7.52 -1.88 -20.39
CA HIS A 347 -7.40 -0.43 -20.51
C HIS A 347 -8.09 -0.01 -21.80
N GLN B 34 -18.99 28.37 23.73
CA GLN B 34 -18.04 27.48 24.39
C GLN B 34 -17.46 26.43 23.44
N LEU B 35 -18.26 25.91 22.52
CA LEU B 35 -17.78 25.01 21.45
C LEU B 35 -17.46 25.74 20.17
N ASP B 36 -16.43 25.31 19.46
CA ASP B 36 -16.13 25.88 18.14
C ASP B 36 -17.25 25.55 17.17
N PRO B 37 -17.43 26.40 16.13
CA PRO B 37 -18.56 26.22 15.21
C PRO B 37 -18.69 24.81 14.62
N ILE B 38 -17.57 24.19 14.23
CA ILE B 38 -17.64 22.85 13.62
C ILE B 38 -18.15 21.83 14.62
N THR B 39 -17.64 21.89 15.84
CA THR B 39 -18.05 20.97 16.88
C THR B 39 -19.49 21.21 17.29
N GLN B 40 -19.89 22.47 17.40
CA GLN B 40 -21.26 22.85 17.75
C GLN B 40 -22.24 22.35 16.68
N ALA B 41 -21.88 22.48 15.41
CA ALA B 41 -22.74 21.98 14.33
C ALA B 41 -22.95 20.46 14.45
N TYR B 42 -21.89 19.72 14.76
CA TYR B 42 -22.02 18.27 14.98
C TYR B 42 -22.91 17.99 16.19
N ALA B 43 -22.69 18.71 17.29
CA ALA B 43 -23.47 18.50 18.49
C ALA B 43 -24.95 18.75 18.21
N ASP B 44 -25.23 19.76 17.41
CA ASP B 44 -26.61 20.11 17.05
C ASP B 44 -27.23 18.98 16.22
N ALA B 45 -26.50 18.54 15.21
CA ALA B 45 -27.01 17.52 14.28
C ALA B 45 -27.36 16.19 14.95
N ILE B 46 -26.80 15.91 16.12
CA ILE B 46 -27.04 14.63 16.78
C ILE B 46 -27.86 14.74 18.07
N SER B 47 -28.27 15.95 18.42
CA SER B 47 -28.98 16.17 19.67
C SER B 47 -30.34 15.46 19.72
N SER B 48 -30.94 15.26 18.56
CA SER B 48 -32.21 14.55 18.46
C SER B 48 -32.04 13.03 18.39
N ARG B 49 -30.81 12.55 18.26
CA ARG B 49 -30.58 11.12 18.07
C ARG B 49 -30.57 10.45 19.43
N PRO B 50 -31.26 9.30 19.55
CA PRO B 50 -31.18 8.52 20.78
C PRO B 50 -29.81 7.87 20.91
N SER B 51 -29.33 7.76 22.14
CA SER B 51 -28.07 7.08 22.41
C SER B 51 -28.12 5.63 21.92
N LEU B 52 -27.01 5.14 21.40
CA LEU B 52 -26.94 3.74 20.98
C LEU B 52 -26.63 2.89 22.21
N PHE B 53 -26.31 3.56 23.31
CA PHE B 53 -26.01 2.87 24.56
C PHE B 53 -27.32 2.56 25.28
N ALA B 54 -28.06 1.63 24.69
CA ALA B 54 -29.36 1.19 25.19
C ALA B 54 -29.70 -0.17 24.60
N PHE B 55 -30.59 -0.89 25.27
CA PHE B 55 -31.07 -2.18 24.78
C PHE B 55 -32.28 -2.02 23.87
N PRO B 56 -32.37 -2.86 22.82
CA PRO B 56 -31.41 -3.88 22.40
C PRO B 56 -30.21 -3.32 21.63
N LEU B 57 -29.03 -3.91 21.82
CA LEU B 57 -27.83 -3.47 21.13
C LEU B 57 -27.88 -3.92 19.69
N PRO B 58 -27.37 -3.10 18.76
CA PRO B 58 -27.27 -3.55 17.38
C PRO B 58 -26.32 -4.73 17.34
N GLU B 59 -26.44 -5.66 16.41
CA GLU B 59 -25.43 -6.68 16.49
C GLU B 59 -24.30 -6.46 15.51
N ILE B 60 -24.42 -5.48 14.64
CA ILE B 60 -23.23 -5.04 13.95
C ILE B 60 -22.74 -3.90 14.84
N ARG B 61 -21.55 -4.07 15.39
CA ARG B 61 -21.00 -3.14 16.37
C ARG B 61 -19.93 -2.21 15.78
N ASP B 62 -19.53 -2.48 14.55
CA ASP B 62 -18.49 -1.70 13.90
C ASP B 62 -18.85 -1.42 12.45
N GLY B 63 -18.70 -0.18 12.02
CA GLY B 63 -18.92 0.18 10.62
C GLY B 63 -18.22 1.47 10.23
N TYR B 64 -18.09 1.68 8.92
CA TYR B 64 -17.45 2.90 8.40
C TYR B 64 -18.28 4.12 8.67
N GLN B 65 -17.61 5.24 8.95
CA GLN B 65 -18.29 6.51 9.18
C GLN B 65 -18.73 7.14 7.85
N SER B 66 -18.06 6.73 6.77
CA SER B 66 -18.45 7.13 5.41
C SER B 66 -17.71 6.27 4.38
N SER B 72 -5.19 8.41 0.74
CA SER B 72 -3.97 9.10 0.32
C SER B 72 -2.75 8.52 1.06
N THR B 73 -2.94 8.24 2.34
CA THR B 73 -1.96 7.51 3.12
C THR B 73 -2.21 6.03 2.88
N GLU B 74 -1.21 5.36 2.30
CA GLU B 74 -1.33 3.96 2.02
C GLU B 74 -0.62 3.12 3.05
N PHE B 75 -1.25 2.00 3.40
CA PHE B 75 -0.64 1.06 4.31
C PHE B 75 -1.16 -0.33 3.96
N THR B 76 -0.38 -1.34 4.31
CA THR B 76 -0.79 -2.72 4.15
C THR B 76 -1.60 -3.17 5.36
N THR B 77 -2.40 -4.21 5.17
CA THR B 77 -3.19 -4.76 6.24
C THR B 77 -2.92 -6.25 6.36
N LYS B 78 -2.54 -6.69 7.56
CA LYS B 78 -2.48 -8.10 7.86
C LYS B 78 -3.49 -8.44 8.95
N ILE B 79 -4.41 -9.34 8.64
CA ILE B 79 -5.43 -9.78 9.58
C ILE B 79 -4.91 -10.94 10.43
N LEU B 80 -4.91 -10.74 11.74
CA LEU B 80 -4.32 -11.71 12.64
C LEU B 80 -5.32 -12.36 13.56
N SER B 81 -5.25 -13.69 13.65
CA SER B 81 -5.96 -14.45 14.66
C SER B 81 -4.96 -14.96 15.69
N LEU B 82 -4.91 -14.34 16.88
CA LEU B 82 -3.90 -14.73 17.85
C LEU B 82 -4.45 -15.79 18.82
N PRO B 83 -3.80 -16.98 18.88
CA PRO B 83 -4.27 -18.08 19.75
C PRO B 83 -3.82 -17.88 21.18
N VAL B 84 -4.23 -16.76 21.78
CA VAL B 84 -3.73 -16.37 23.09
C VAL B 84 -4.84 -15.73 23.92
N GLY B 85 -4.56 -15.50 25.20
CA GLY B 85 -5.49 -14.80 26.06
C GLY B 85 -6.58 -15.68 26.63
N PRO B 86 -7.40 -15.12 27.54
CA PRO B 86 -8.39 -15.88 28.31
C PRO B 86 -9.42 -16.60 27.46
N THR B 87 -9.70 -16.14 26.24
CA THR B 87 -10.70 -16.85 25.44
C THR B 87 -10.08 -17.78 24.40
N GLY B 88 -8.76 -17.79 24.30
CA GLY B 88 -8.12 -18.62 23.30
C GLY B 88 -8.00 -17.98 21.93
N ASN B 89 -8.64 -16.83 21.73
CA ASN B 89 -8.42 -16.07 20.50
C ASN B 89 -8.50 -14.56 20.76
N VAL B 90 -7.62 -13.82 20.09
CA VAL B 90 -7.71 -12.36 20.01
C VAL B 90 -7.50 -11.99 18.56
N THR B 91 -8.45 -11.24 17.99
CA THR B 91 -8.32 -10.75 16.63
C THR B 91 -7.51 -9.43 16.64
N ALA B 92 -6.50 -9.31 15.78
CA ALA B 92 -5.72 -8.09 15.66
C ALA B 92 -5.45 -7.74 14.19
N TYR B 93 -5.36 -6.46 13.89
CA TYR B 93 -5.00 -6.00 12.55
C TYR B 93 -3.64 -5.30 12.60
N LEU B 94 -2.69 -5.74 11.78
CA LEU B 94 -1.40 -5.07 11.70
C LEU B 94 -1.38 -4.18 10.47
N TYR B 95 -1.33 -2.87 10.67
CA TYR B 95 -1.25 -1.94 9.56
C TYR B 95 0.17 -1.38 9.46
N LYS B 96 0.79 -1.47 8.28
CA LYS B 96 2.14 -0.94 8.07
C LYS B 96 2.17 0.07 6.94
N PRO B 97 2.81 1.23 7.15
CA PRO B 97 2.95 2.15 6.02
C PRO B 97 3.75 1.50 4.89
N VAL B 98 3.47 1.87 3.65
CA VAL B 98 4.17 1.26 2.53
C VAL B 98 5.61 1.74 2.42
N SER B 99 6.44 0.91 1.78
CA SER B 99 7.85 1.23 1.59
C SER B 99 8.03 2.19 0.43
N ASP B 107 14.79 -0.61 8.90
CA ASP B 107 14.12 -1.66 8.13
C ASP B 107 12.91 -2.19 8.91
N LEU B 108 13.10 -2.53 10.19
CA LEU B 108 11.95 -2.87 11.04
C LEU B 108 11.21 -1.60 11.46
N LEU B 109 9.89 -1.60 11.29
CA LEU B 109 9.07 -0.45 11.66
C LEU B 109 8.80 -0.35 13.15
N PRO B 110 8.77 0.88 13.69
CA PRO B 110 8.23 1.05 15.04
C PRO B 110 6.74 0.64 15.03
N VAL B 111 6.15 0.30 16.16
CA VAL B 111 4.77 -0.16 16.15
C VAL B 111 3.99 0.41 17.33
N ILE B 112 2.79 0.91 17.05
CA ILE B 112 1.88 1.42 18.06
C ILE B 112 0.77 0.38 18.35
N ALA B 113 0.74 -0.16 19.56
CA ALA B 113 -0.38 -1.03 19.95
C ALA B 113 -1.55 -0.11 20.29
N TYR B 114 -2.63 -0.22 19.53
CA TYR B 114 -3.75 0.68 19.73
C TYR B 114 -4.99 -0.05 20.25
N PHE B 115 -5.56 0.50 21.32
CA PHE B 115 -6.73 -0.07 21.98
C PHE B 115 -7.91 0.89 21.84
N HIS B 116 -8.88 0.55 20.99
CA HIS B 116 -9.94 1.50 20.61
C HIS B 116 -11.01 1.71 21.66
N GLY B 117 -11.73 2.83 21.57
CA GLY B 117 -12.81 3.13 22.48
C GLY B 117 -14.17 2.75 21.89
N GLY B 118 -15.24 3.24 22.51
CA GLY B 118 -16.58 2.80 22.12
C GLY B 118 -17.31 2.14 23.30
N GLY B 119 -16.89 2.50 24.51
CA GLY B 119 -17.56 2.07 25.73
C GLY B 119 -17.49 0.57 26.03
N TRP B 120 -16.51 -0.11 25.45
CA TRP B 120 -16.32 -1.57 25.54
C TRP B 120 -17.43 -2.32 24.79
N VAL B 121 -18.42 -1.58 24.28
CA VAL B 121 -19.56 -2.15 23.55
C VAL B 121 -19.45 -2.02 22.05
N PHE B 122 -18.88 -0.90 21.59
CA PHE B 122 -18.82 -0.61 20.17
C PHE B 122 -17.38 -0.41 19.68
N GLY B 123 -17.22 -0.32 18.37
CA GLY B 123 -15.96 0.03 17.77
C GLY B 123 -15.24 -1.14 17.11
N GLY B 124 -14.19 -0.82 16.35
CA GLY B 124 -13.42 -1.80 15.62
C GLY B 124 -12.66 -1.10 14.52
N PRO B 125 -12.02 -1.87 13.62
CA PRO B 125 -11.14 -1.31 12.59
C PRO B 125 -11.84 -0.37 11.61
N LYS B 126 -13.14 -0.60 11.38
CA LYS B 126 -13.86 0.23 10.42
C LYS B 126 -14.11 1.64 10.95
N SER B 127 -14.69 1.75 12.13
CA SER B 127 -15.04 3.04 12.70
C SER B 127 -13.81 3.83 13.12
N TYR B 128 -12.69 3.14 13.29
CA TYR B 128 -11.45 3.80 13.70
C TYR B 128 -10.50 4.00 12.52
N ARG B 129 -11.01 3.77 11.30
CA ARG B 129 -10.15 3.87 10.11
C ARG B 129 -9.52 5.26 9.98
N GLY B 130 -10.31 6.29 10.29
CA GLY B 130 -9.82 7.67 10.19
C GLY B 130 -8.68 7.94 11.16
N LEU B 131 -8.86 7.53 12.42
CA LEU B 131 -7.83 7.73 13.41
C LEU B 131 -6.59 6.88 13.09
N ILE B 132 -6.80 5.63 12.71
CA ILE B 132 -5.68 4.77 12.33
C ILE B 132 -4.88 5.37 11.17
N THR B 133 -5.60 5.86 10.17
CA THR B 133 -4.96 6.49 9.01
C THR B 133 -4.13 7.72 9.41
N ASN B 134 -4.72 8.57 10.24
CA ASN B 134 -4.02 9.74 10.77
C ASN B 134 -2.74 9.33 11.52
N LEU B 135 -2.87 8.35 12.40
CA LEU B 135 -1.73 7.88 13.20
C LEU B 135 -0.61 7.43 12.29
N ILE B 136 -0.97 6.65 11.27
CA ILE B 136 0.05 6.15 10.37
C ILE B 136 0.69 7.28 9.57
N ARG B 137 -0.13 8.23 9.11
CA ARG B 137 0.40 9.33 8.32
C ARG B 137 1.43 10.14 9.11
N GLU B 138 1.08 10.52 10.35
CA GLU B 138 1.91 11.41 11.16
C GLU B 138 3.07 10.69 11.88
N SER B 139 2.86 9.46 12.34
CA SER B 139 3.88 8.78 13.12
C SER B 139 4.91 8.07 12.27
N GLY B 140 4.52 7.65 11.06
CA GLY B 140 5.35 6.78 10.25
C GLY B 140 5.52 5.38 10.83
N ALA B 141 4.77 5.07 11.90
CA ALA B 141 4.86 3.75 12.55
C ALA B 141 3.79 2.81 12.07
N ALA B 142 4.01 1.53 12.34
CA ALA B 142 2.97 0.53 12.19
C ALA B 142 1.93 0.67 13.30
N VAL B 143 0.72 0.20 13.02
CA VAL B 143 -0.31 0.15 14.04
C VAL B 143 -0.79 -1.29 14.23
N PHE B 144 -0.71 -1.75 15.47
CA PHE B 144 -1.20 -3.07 15.89
C PHE B 144 -2.52 -2.80 16.60
N PHE B 145 -3.61 -2.96 15.88
CA PHE B 145 -4.95 -2.60 16.36
C PHE B 145 -5.64 -3.84 16.92
N VAL B 146 -5.88 -3.85 18.23
CA VAL B 146 -6.45 -5.02 18.87
C VAL B 146 -7.97 -4.98 18.82
N ASP B 147 -8.55 -5.94 18.10
CA ASP B 147 -10.00 -6.02 17.96
C ASP B 147 -10.59 -6.95 19.01
N TYR B 148 -10.53 -6.52 20.26
CA TYR B 148 -10.94 -7.31 21.41
C TYR B 148 -12.45 -7.59 21.44
N THR B 149 -12.86 -8.58 22.21
CA THR B 149 -14.26 -8.96 22.26
C THR B 149 -15.11 -7.95 23.01
N LEU B 150 -16.24 -7.58 22.39
CA LEU B 150 -17.07 -6.53 22.94
C LEU B 150 -18.08 -7.09 23.95
N THR B 151 -18.49 -6.25 24.88
CA THR B 151 -19.52 -6.58 25.85
C THR B 151 -20.90 -6.64 25.16
N PRO B 152 -21.85 -7.42 25.72
CA PRO B 152 -21.71 -8.26 26.92
C PRO B 152 -21.34 -9.72 26.62
N LYS B 153 -20.85 -10.00 25.42
CA LYS B 153 -20.35 -11.33 25.09
C LYS B 153 -19.28 -11.77 26.08
N VAL B 154 -18.45 -10.82 26.52
CA VAL B 154 -17.56 -10.99 27.67
C VAL B 154 -17.69 -9.80 28.61
N ALA B 155 -17.03 -9.90 29.76
CA ALA B 155 -17.01 -8.78 30.69
C ALA B 155 -15.61 -8.61 31.23
N TYR B 156 -15.36 -7.51 31.92
CA TYR B 156 -14.13 -7.31 32.65
C TYR B 156 -13.82 -8.59 33.43
N PRO B 157 -12.55 -9.01 33.49
CA PRO B 157 -11.36 -8.38 32.92
C PRO B 157 -10.94 -8.97 31.58
N VAL B 158 -11.85 -9.58 30.84
CA VAL B 158 -11.46 -10.28 29.62
C VAL B 158 -10.89 -9.37 28.51
N PRO B 159 -11.55 -8.24 28.19
CA PRO B 159 -10.93 -7.38 27.17
C PRO B 159 -9.54 -6.90 27.59
N ASN B 160 -9.37 -6.58 28.87
CA ASN B 160 -8.07 -6.21 29.42
C ASN B 160 -7.01 -7.26 29.18
N GLU B 161 -7.34 -8.51 29.51
CA GLU B 161 -6.40 -9.61 29.36
C GLU B 161 -6.20 -9.96 27.91
N GLN B 162 -7.25 -9.81 27.09
CA GLN B 162 -7.06 -10.04 25.65
C GLN B 162 -6.02 -9.07 25.08
N CYS B 163 -6.16 -7.79 25.41
CA CYS B 163 -5.25 -6.73 24.93
C CYS B 163 -3.85 -7.00 25.43
N TYR B 164 -3.75 -7.33 26.71
CA TYR B 164 -2.46 -7.68 27.32
C TYR B 164 -1.83 -8.87 26.57
N ALA B 165 -2.63 -9.92 26.34
CA ALA B 165 -2.10 -11.12 25.70
C ALA B 165 -1.67 -10.85 24.27
N ALA B 166 -2.39 -9.97 23.59
CA ALA B 166 -2.02 -9.58 22.23
C ALA B 166 -0.65 -8.89 22.21
N VAL B 167 -0.41 -8.03 23.20
CA VAL B 167 0.87 -7.35 23.31
C VAL B 167 2.01 -8.37 23.53
N GLN B 168 1.77 -9.38 24.37
CA GLN B 168 2.80 -10.40 24.62
C GLN B 168 3.13 -11.15 23.35
N TRP B 169 2.11 -11.46 22.57
CA TRP B 169 2.29 -12.10 21.29
C TRP B 169 3.09 -11.24 20.31
N LEU B 170 2.78 -9.94 20.25
CA LEU B 170 3.49 -9.03 19.36
C LEU B 170 4.98 -8.98 19.75
N LEU B 171 5.23 -8.96 21.06
CA LEU B 171 6.59 -8.96 21.55
C LEU B 171 7.36 -10.17 21.02
N GLU B 172 6.70 -11.32 20.95
CA GLU B 172 7.39 -12.54 20.52
C GLU B 172 7.49 -12.68 19.01
N HIS B 173 6.47 -12.25 18.29
CA HIS B 173 6.39 -12.54 16.87
C HIS B 173 6.49 -11.32 15.97
N GLY B 174 6.57 -10.14 16.57
CA GLY B 174 6.54 -8.91 15.79
C GLY B 174 7.65 -8.79 14.77
N GLU B 175 8.86 -9.19 15.15
CA GLU B 175 10.01 -8.99 14.27
C GLU B 175 9.79 -9.66 12.91
N LYS B 176 9.21 -10.84 12.90
CA LYS B 176 8.98 -11.51 11.64
C LYS B 176 7.82 -10.92 10.84
N LEU B 177 7.08 -9.99 11.44
CA LEU B 177 6.06 -9.28 10.71
C LEU B 177 6.62 -7.93 10.24
N GLY B 178 7.90 -7.68 10.54
CA GLY B 178 8.57 -6.49 10.04
C GLY B 178 8.43 -5.28 10.94
N VAL B 179 8.09 -5.50 12.20
CA VAL B 179 8.07 -4.41 13.16
C VAL B 179 9.04 -4.74 14.28
N ASP B 180 9.45 -3.72 15.00
CA ASP B 180 10.33 -3.89 16.14
C ASP B 180 9.56 -3.69 17.43
N PRO B 181 9.16 -4.80 18.07
CA PRO B 181 8.36 -4.76 19.30
C PRO B 181 9.07 -4.11 20.48
N THR B 182 10.39 -3.91 20.40
CA THR B 182 11.11 -3.20 21.45
C THR B 182 11.05 -1.69 21.21
N ASN B 183 10.45 -1.33 20.08
CA ASN B 183 10.14 0.05 19.76
C ASN B 183 8.66 0.31 19.73
N MET B 184 8.01 0.18 20.87
CA MET B 184 6.55 0.11 20.87
C MET B 184 5.90 1.30 21.55
N GLY B 185 4.80 1.77 20.99
CA GLY B 185 3.97 2.73 21.70
C GLY B 185 2.66 2.06 22.06
N PHE B 186 2.00 2.58 23.10
CA PHE B 186 0.61 2.27 23.43
C PHE B 186 -0.25 3.49 23.12
N GLY B 187 -1.43 3.27 22.54
CA GLY B 187 -2.41 4.33 22.39
C GLY B 187 -3.79 3.81 22.73
N GLY B 188 -4.64 4.68 23.27
CA GLY B 188 -6.01 4.32 23.54
C GLY B 188 -6.87 5.53 23.83
N ASP B 189 -8.12 5.48 23.38
CA ASP B 189 -9.05 6.58 23.56
C ASP B 189 -10.26 6.12 24.38
N SER B 190 -10.68 6.95 25.33
CA SER B 190 -11.91 6.70 26.10
C SER B 190 -11.86 5.34 26.82
N ALA B 191 -12.76 4.41 26.47
CA ALA B 191 -12.71 3.07 27.04
C ALA B 191 -11.34 2.42 26.75
N GLY B 192 -10.83 2.67 25.56
CA GLY B 192 -9.52 2.17 25.15
C GLY B 192 -8.39 2.81 25.93
N GLY B 193 -8.63 3.98 26.50
CA GLY B 193 -7.64 4.59 27.36
C GLY B 193 -7.58 3.83 28.67
N GLU B 194 -8.73 3.35 29.13
CA GLU B 194 -8.78 2.45 30.27
C GLU B 194 -8.00 1.20 29.93
N LEU B 195 -8.22 0.64 28.74
CA LEU B 195 -7.51 -0.56 28.35
C LEU B 195 -6.00 -0.33 28.23
N SER B 196 -5.60 0.80 27.65
CA SER B 196 -4.17 1.07 27.49
C SER B 196 -3.46 1.14 28.83
N SER B 197 -4.02 1.91 29.76
CA SER B 197 -3.40 2.09 31.06
C SER B 197 -3.47 0.80 31.91
N SER B 198 -4.52 0.00 31.70
CA SER B 198 -4.64 -1.31 32.35
C SER B 198 -3.54 -2.25 31.87
N VAL B 199 -3.28 -2.28 30.57
CA VAL B 199 -2.25 -3.14 30.02
C VAL B 199 -0.86 -2.71 30.52
N SER B 200 -0.64 -1.40 30.65
CA SER B 200 0.58 -0.87 31.26
C SER B 200 0.72 -1.41 32.69
N LEU B 201 -0.35 -1.27 33.46
CA LEU B 201 -0.36 -1.70 34.85
C LEU B 201 -0.10 -3.21 34.94
N LEU B 202 -0.74 -3.97 34.07
CA LEU B 202 -0.53 -5.42 34.05
C LEU B 202 0.91 -5.76 33.69
N SER B 203 1.48 -5.00 32.75
CA SER B 203 2.88 -5.21 32.38
C SER B 203 3.81 -4.99 33.56
N ILE B 204 3.47 -3.99 34.37
CA ILE B 204 4.25 -3.68 35.56
C ILE B 204 4.12 -4.77 36.62
N LYS B 205 2.88 -5.20 36.92
CA LYS B 205 2.65 -6.28 37.88
C LYS B 205 3.33 -7.60 37.45
N ARG B 206 3.41 -7.85 36.14
CA ARG B 206 3.92 -9.12 35.65
C ARG B 206 5.35 -9.02 35.10
N LYS B 207 5.96 -7.84 35.23
CA LYS B 207 7.34 -7.60 34.80
C LYS B 207 7.57 -8.00 33.35
N THR B 208 6.68 -7.57 32.48
CA THR B 208 6.83 -7.77 31.05
C THR B 208 7.04 -6.38 30.41
N PRO B 209 7.62 -6.31 29.20
CA PRO B 209 8.05 -5.00 28.65
C PRO B 209 6.97 -3.92 28.50
N LEU B 210 7.29 -2.72 28.96
CA LEU B 210 6.45 -1.54 28.79
C LEU B 210 6.74 -0.88 27.45
N PRO B 211 5.77 -0.11 26.92
CA PRO B 211 6.06 0.65 25.71
C PRO B 211 7.00 1.79 26.03
N LYS B 212 7.63 2.35 25.00
CA LYS B 212 8.51 3.49 25.17
C LYS B 212 7.68 4.73 25.48
N PHE B 213 6.46 4.74 24.97
CA PHE B 213 5.63 5.94 25.03
C PHE B 213 4.15 5.56 24.98
N GLN B 214 3.34 6.26 25.78
CA GLN B 214 1.92 5.96 25.86
C GLN B 214 1.07 7.21 25.68
N VAL B 215 0.04 7.11 24.82
CA VAL B 215 -0.90 8.19 24.64
C VAL B 215 -2.31 7.78 25.06
N LEU B 216 -2.87 8.54 26.00
CA LEU B 216 -4.22 8.35 26.48
C LEU B 216 -5.10 9.54 26.04
N ILE B 217 -6.13 9.27 25.25
CA ILE B 217 -7.02 10.29 24.71
C ILE B 217 -8.36 10.26 25.47
N TYR B 218 -8.69 11.36 26.17
CA TYR B 218 -9.85 11.44 27.09
C TYR B 218 -10.16 10.09 27.73
N PRO B 219 -9.19 9.53 28.47
CA PRO B 219 -9.35 8.17 28.97
C PRO B 219 -10.31 8.03 30.14
N ALA B 220 -10.98 6.88 30.22
CA ALA B 220 -11.61 6.48 31.47
C ALA B 220 -10.50 5.90 32.36
N THR B 221 -10.37 6.39 33.58
CA THR B 221 -9.32 5.90 34.45
C THR B 221 -9.88 5.38 35.78
N ASP B 222 -11.13 5.74 36.07
CA ASP B 222 -11.79 5.37 37.31
C ASP B 222 -13.25 5.03 37.05
N LEU B 223 -13.59 3.75 37.14
CA LEU B 223 -14.95 3.33 36.82
C LEU B 223 -15.83 3.38 38.07
N ALA B 224 -15.21 3.57 39.22
CA ALA B 224 -15.90 3.46 40.51
C ALA B 224 -16.54 4.78 40.96
N CYS B 225 -15.80 5.87 40.83
CA CYS B 225 -16.23 7.15 41.35
C CYS B 225 -16.68 8.09 40.25
N GLU B 226 -17.56 9.00 40.61
CA GLU B 226 -17.92 10.12 39.75
C GLU B 226 -17.04 11.30 40.16
N SER B 227 -16.62 12.10 39.18
CA SER B 227 -15.73 13.21 39.47
C SER B 227 -16.41 14.52 39.15
N ALA B 228 -15.74 15.63 39.49
CA ALA B 228 -16.31 16.97 39.37
C ALA B 228 -16.99 17.23 38.03
N THR B 229 -16.37 16.83 36.93
CA THR B 229 -16.91 17.13 35.61
C THR B 229 -18.13 16.28 35.21
N PHE B 230 -18.40 15.21 35.95
CA PHE B 230 -19.67 14.49 35.77
C PHE B 230 -20.85 15.42 36.00
N LYS B 231 -20.77 16.18 37.08
CA LYS B 231 -21.81 17.16 37.41
C LYS B 231 -21.78 18.38 36.48
N GLU B 232 -20.60 18.77 36.00
CA GLU B 232 -20.48 19.95 35.14
C GLU B 232 -21.03 19.68 33.74
N PHE B 233 -20.78 18.49 33.21
CA PHE B 233 -21.28 18.16 31.88
C PHE B 233 -22.11 16.86 31.86
N PRO B 234 -23.16 16.78 32.70
CA PRO B 234 -23.94 15.54 32.85
C PRO B 234 -24.54 15.09 31.54
N ASN B 235 -24.84 16.04 30.65
CA ASN B 235 -25.26 15.65 29.31
C ASN B 235 -24.53 16.40 28.22
N GLY B 236 -23.52 17.20 28.61
CA GLY B 236 -22.74 18.03 27.70
C GLY B 236 -22.41 17.17 26.51
N PRO B 237 -22.62 17.69 25.30
CA PRO B 237 -22.77 16.79 24.16
C PRO B 237 -21.60 15.84 23.94
N GLY B 238 -21.82 14.78 23.19
CA GLY B 238 -20.78 13.83 22.83
C GLY B 238 -20.68 12.63 23.75
N LEU B 239 -20.96 12.83 25.02
CA LEU B 239 -20.89 11.77 26.01
C LEU B 239 -21.70 12.20 27.20
N THR B 240 -22.68 11.38 27.59
CA THR B 240 -23.52 11.74 28.73
C THR B 240 -23.20 10.84 29.90
N THR B 241 -23.60 11.31 31.08
CA THR B 241 -23.39 10.57 32.30
C THR B 241 -24.20 9.25 32.30
N ASP B 242 -25.34 9.24 31.61
CA ASP B 242 -26.11 8.01 31.49
C ASP B 242 -25.38 6.99 30.63
N GLU B 243 -24.77 7.46 29.54
CA GLU B 243 -24.02 6.59 28.66
C GLU B 243 -22.81 5.99 29.37
N ILE B 244 -22.19 6.77 30.26
CA ILE B 244 -21.07 6.28 31.06
C ILE B 244 -21.52 5.12 31.97
N ARG B 245 -22.67 5.29 32.64
CA ARG B 245 -23.17 4.24 33.53
C ARG B 245 -23.58 2.99 32.77
N PHE B 246 -24.25 3.15 31.64
CA PHE B 246 -24.64 2.01 30.80
C PHE B 246 -23.43 1.18 30.39
N ALA B 247 -22.38 1.85 29.89
CA ALA B 247 -21.17 1.16 29.43
C ALA B 247 -20.49 0.41 30.59
N ALA B 248 -20.39 1.07 31.73
CA ALA B 248 -19.76 0.48 32.89
C ALA B 248 -20.55 -0.70 33.48
N SER B 249 -21.88 -0.68 33.34
CA SER B 249 -22.71 -1.75 33.90
C SER B 249 -22.58 -3.02 33.05
N LEU B 250 -22.26 -2.87 31.77
CA LEU B 250 -22.03 -4.02 30.90
C LEU B 250 -20.60 -4.54 31.03
N PHE B 251 -19.66 -3.63 31.22
CA PHE B 251 -18.26 -3.99 31.26
C PHE B 251 -17.94 -4.50 32.63
N THR B 252 -18.51 -3.84 33.64
CA THR B 252 -18.30 -4.26 35.01
C THR B 252 -19.63 -4.44 35.75
N PRO B 253 -20.38 -5.52 35.45
CA PRO B 253 -21.69 -5.75 36.08
C PRO B 253 -21.59 -5.82 37.60
N ASP B 254 -20.46 -6.29 38.12
CA ASP B 254 -20.23 -6.25 39.55
C ASP B 254 -19.52 -4.95 39.96
N PRO B 255 -20.25 -4.03 40.62
CA PRO B 255 -19.69 -2.72 40.99
C PRO B 255 -18.41 -2.80 41.81
N LYS B 256 -18.17 -3.91 42.50
CA LYS B 256 -16.94 -4.04 43.27
C LYS B 256 -15.71 -4.19 42.39
N SER B 257 -15.93 -4.65 41.15
CA SER B 257 -14.84 -4.77 40.18
C SER B 257 -14.24 -3.41 39.87
N ARG B 258 -15.08 -2.38 39.92
CA ARG B 258 -14.68 -1.02 39.57
C ARG B 258 -13.63 -0.43 40.51
N LEU B 259 -13.47 -1.06 41.67
CA LEU B 259 -12.50 -0.65 42.67
C LEU B 259 -11.11 -1.25 42.44
N GLU B 260 -11.05 -2.30 41.63
CA GLU B 260 -9.78 -2.95 41.33
C GLU B 260 -8.93 -2.06 40.41
N ASP B 261 -7.61 -2.07 40.64
CA ASP B 261 -6.70 -1.21 39.88
C ASP B 261 -6.65 -1.62 38.40
N VAL B 262 -6.81 -2.91 38.13
CA VAL B 262 -6.78 -3.37 36.74
C VAL B 262 -7.95 -2.79 35.92
N ALA B 263 -9.11 -2.66 36.57
CA ALA B 263 -10.29 -2.05 35.95
C ALA B 263 -10.15 -0.54 35.86
N SER B 264 -9.64 0.03 36.96
CA SER B 264 -9.54 1.47 37.15
C SER B 264 -8.11 1.85 37.54
N PRO B 265 -7.24 2.00 36.53
CA PRO B 265 -5.82 2.23 36.82
C PRO B 265 -5.58 3.55 37.56
N GLY B 266 -6.55 4.46 37.52
CA GLY B 266 -6.46 5.67 38.32
C GLY B 266 -6.38 5.39 39.83
N ARG B 267 -6.78 4.20 40.23
CA ARG B 267 -6.80 3.84 41.65
C ARG B 267 -5.64 2.93 42.00
N ALA B 268 -4.69 2.76 41.08
CA ALA B 268 -3.56 1.89 41.36
C ALA B 268 -2.68 2.50 42.44
N SER B 269 -1.76 1.71 42.98
CA SER B 269 -0.84 2.17 44.03
C SER B 269 0.21 3.15 43.50
N ASP B 270 0.71 4.01 44.38
CA ASP B 270 1.83 4.90 44.06
C ASP B 270 3.01 4.10 43.49
N GLU B 271 3.31 2.96 44.11
CA GLU B 271 4.47 2.15 43.73
C GLU B 271 4.34 1.64 42.28
N ASP B 272 3.13 1.25 41.90
CA ASP B 272 2.88 0.77 40.53
C ASP B 272 2.89 1.93 39.54
N LEU B 273 2.15 3.00 39.85
CA LEU B 273 2.01 4.12 38.90
C LEU B 273 3.34 4.79 38.63
N ALA B 274 4.21 4.80 39.64
CA ALA B 274 5.54 5.42 39.52
C ALA B 274 6.36 4.74 38.43
N LYS B 275 5.94 3.55 38.00
CA LYS B 275 6.68 2.84 36.97
C LYS B 275 6.02 2.97 35.60
N PHE B 276 5.01 3.81 35.46
CA PHE B 276 4.37 3.95 34.15
C PHE B 276 5.35 4.47 33.09
N PRO B 277 5.11 4.11 31.83
CA PRO B 277 5.96 4.65 30.77
C PRO B 277 5.66 6.14 30.59
N GLU B 278 6.55 6.84 29.89
CA GLU B 278 6.29 8.24 29.58
C GLU B 278 4.93 8.34 28.87
N THR B 279 4.10 9.27 29.35
CA THR B 279 2.70 9.30 28.93
C THR B 279 2.24 10.70 28.51
N LEU B 280 1.53 10.77 27.39
CA LEU B 280 0.85 12.00 27.00
C LEU B 280 -0.66 11.81 27.15
N ILE B 281 -1.29 12.69 27.92
CA ILE B 281 -2.73 12.65 28.08
C ILE B 281 -3.35 13.88 27.42
N VAL B 282 -4.33 13.64 26.56
CA VAL B 282 -5.10 14.69 25.90
C VAL B 282 -6.55 14.57 26.31
N VAL B 283 -7.15 15.69 26.72
CA VAL B 283 -8.55 15.67 27.12
C VAL B 283 -9.35 16.73 26.36
N ALA B 284 -10.64 16.48 26.22
CA ALA B 284 -11.58 17.45 25.65
C ALA B 284 -12.07 18.33 26.78
N GLU B 285 -12.32 19.59 26.46
CA GLU B 285 -12.78 20.55 27.48
C GLU B 285 -14.19 20.23 27.95
N VAL B 286 -15.11 20.04 27.01
CA VAL B 286 -16.49 19.82 27.36
C VAL B 286 -16.80 18.31 27.34
N ASP B 287 -16.67 17.68 28.51
CA ASP B 287 -16.62 16.24 28.60
C ASP B 287 -16.77 15.85 30.06
N PRO B 288 -17.81 15.06 30.39
CA PRO B 288 -17.99 14.59 31.78
C PRO B 288 -16.77 13.89 32.31
N ILE B 289 -16.03 13.25 31.42
CA ILE B 289 -14.92 12.38 31.82
C ILE B 289 -13.57 13.11 31.87
N ARG B 290 -13.59 14.42 31.60
CA ARG B 290 -12.35 15.22 31.54
C ARG B 290 -11.48 15.11 32.79
N GLN B 291 -12.12 15.21 33.95
CA GLN B 291 -11.40 15.21 35.24
C GLN B 291 -10.55 13.97 35.47
N GLN B 292 -11.04 12.84 34.97
CA GLN B 292 -10.33 11.57 35.17
C GLN B 292 -8.95 11.59 34.54
N GLY B 293 -8.87 12.02 33.28
CA GLY B 293 -7.60 12.14 32.58
C GLY B 293 -6.67 13.12 33.26
N GLU B 294 -7.21 14.28 33.62
CA GLU B 294 -6.38 15.32 34.25
C GLU B 294 -5.87 14.86 35.63
N ASP B 295 -6.73 14.26 36.45
CA ASP B 295 -6.27 13.74 37.75
C ASP B 295 -5.23 12.64 37.58
N PHE B 296 -5.44 11.75 36.61
CA PHE B 296 -4.51 10.64 36.39
C PHE B 296 -3.12 11.17 36.00
N GLY B 297 -3.08 12.13 35.07
CA GLY B 297 -1.82 12.75 34.68
C GLY B 297 -1.11 13.44 35.84
N ARG B 298 -1.85 14.15 36.68
CA ARG B 298 -1.24 14.82 37.83
C ARG B 298 -0.62 13.81 38.75
N ARG B 299 -1.31 12.70 38.91
CA ARG B 299 -0.81 11.63 39.75
C ARG B 299 0.48 11.06 39.14
N LEU B 300 0.52 10.88 37.82
CA LEU B 300 1.76 10.43 37.19
C LEU B 300 2.88 11.46 37.39
N GLN B 301 2.54 12.74 37.29
CA GLN B 301 3.56 13.79 37.41
C GLN B 301 4.25 13.77 38.78
N LYS B 302 3.50 13.87 39.87
CA LYS B 302 4.14 13.56 41.14
C LYS B 302 4.38 12.07 40.98
N LEU B 303 5.28 11.46 41.73
CA LEU B 303 5.66 10.04 41.55
C LEU B 303 6.68 9.95 40.45
N GLY B 304 6.92 11.05 39.74
CA GLY B 304 8.08 11.11 38.84
C GLY B 304 8.02 10.56 37.44
N VAL B 305 6.83 10.22 36.94
CA VAL B 305 6.71 9.78 35.55
C VAL B 305 6.66 11.00 34.66
N ARG B 306 7.39 10.99 33.54
CA ARG B 306 7.27 12.10 32.57
C ARG B 306 5.89 12.07 31.95
N ALA B 307 5.03 13.00 32.34
CA ALA B 307 3.66 12.99 31.87
C ALA B 307 3.24 14.38 31.42
N ALA B 308 2.82 14.48 30.18
CA ALA B 308 2.33 15.72 29.63
C ALA B 308 0.80 15.65 29.61
N ILE B 309 0.14 16.73 30.02
CA ILE B 309 -1.32 16.78 29.98
C ILE B 309 -1.80 18.03 29.26
N ILE B 310 -2.62 17.82 28.25
CA ILE B 310 -3.09 18.92 27.42
C ILE B 310 -4.62 18.90 27.32
N ARG B 311 -5.25 20.05 27.59
CA ARG B 311 -6.69 20.21 27.44
C ARG B 311 -6.97 21.04 26.20
N VAL B 312 -7.82 20.50 25.34
CA VAL B 312 -8.22 21.12 24.10
C VAL B 312 -9.54 21.86 24.28
N LEU B 313 -9.54 23.17 24.08
CA LEU B 313 -10.74 23.96 24.37
C LEU B 313 -11.78 23.88 23.25
N GLY B 314 -13.04 23.99 23.66
CA GLY B 314 -14.13 24.11 22.68
C GLY B 314 -14.52 22.82 21.98
N THR B 315 -14.04 21.69 22.44
CA THR B 315 -14.40 20.44 21.79
C THR B 315 -14.92 19.42 22.81
N ILE B 316 -15.35 18.26 22.31
CA ILE B 316 -16.09 17.30 23.13
C ILE B 316 -15.48 15.90 23.03
N HIS B 317 -15.97 15.00 23.89
CA HIS B 317 -15.54 13.59 23.88
C HIS B 317 -15.67 13.01 22.48
N GLY B 318 -14.66 12.26 22.05
CA GLY B 318 -14.72 11.61 20.75
C GLY B 318 -14.04 12.34 19.61
N PHE B 319 -13.45 13.51 19.87
CA PHE B 319 -12.92 14.32 18.76
C PHE B 319 -11.81 13.63 17.99
N ALA B 320 -11.11 12.66 18.59
CA ALA B 320 -9.97 12.04 17.89
C ALA B 320 -10.41 11.00 16.85
N SER B 321 -11.60 10.44 17.00
CA SER B 321 -12.01 9.37 16.09
C SER B 321 -13.24 9.70 15.25
N ILE B 322 -14.01 10.71 15.66
CA ILE B 322 -15.19 11.08 14.86
C ILE B 322 -14.76 12.03 13.77
N ASP B 323 -14.90 11.60 12.52
CA ASP B 323 -14.37 12.29 11.34
C ASP B 323 -14.64 13.80 11.35
N VAL B 324 -15.91 14.16 11.53
CA VAL B 324 -16.35 15.54 11.49
C VAL B 324 -15.64 16.37 12.54
N LEU B 325 -15.60 15.86 13.77
CA LEU B 325 -14.96 16.54 14.88
C LEU B 325 -13.46 16.63 14.69
N SER B 326 -12.88 15.65 14.00
CA SER B 326 -11.43 15.53 13.91
C SER B 326 -10.83 16.60 12.98
N GLU B 327 -11.67 17.28 12.22
CA GLU B 327 -11.17 18.28 11.28
C GLU B 327 -11.22 19.70 11.85
N ALA B 328 -11.87 19.90 12.98
CA ALA B 328 -11.84 21.20 13.66
C ALA B 328 -10.39 21.49 14.14
N PRO B 329 -10.01 22.77 14.24
CA PRO B 329 -8.59 23.14 14.46
C PRO B 329 -7.91 22.48 15.68
N GLY B 330 -8.50 22.59 16.86
CA GLY B 330 -7.91 22.01 18.06
C GLY B 330 -7.76 20.49 17.98
N ALA B 331 -8.82 19.83 17.53
CA ALA B 331 -8.80 18.37 17.36
C ALA B 331 -7.73 17.96 16.37
N LYS B 332 -7.74 18.61 15.21
CA LYS B 332 -6.78 18.30 14.15
C LYS B 332 -5.33 18.47 14.64
N ALA B 333 -5.09 19.54 15.38
CA ALA B 333 -3.76 19.84 15.89
C ALA B 333 -3.30 18.78 16.89
N THR B 334 -4.20 18.33 17.75
CA THR B 334 -3.79 17.39 18.78
C THR B 334 -3.65 15.99 18.20
N ILE B 335 -4.41 15.70 17.15
CA ILE B 335 -4.25 14.42 16.46
C ILE B 335 -2.89 14.38 15.79
N GLU B 336 -2.49 15.46 15.12
CA GLU B 336 -1.16 15.42 14.50
C GLU B 336 -0.09 15.49 15.60
N LEU B 337 -0.36 16.18 16.70
CA LEU B 337 0.56 16.13 17.84
C LEU B 337 0.82 14.69 18.32
N ILE B 338 -0.27 13.94 18.51
CA ILE B 338 -0.17 12.55 18.96
C ILE B 338 0.69 11.73 18.00
N GLY B 339 0.37 11.77 16.72
CA GLY B 339 1.14 11.02 15.75
C GLY B 339 2.59 11.46 15.72
N TYR B 340 2.81 12.76 15.75
CA TYR B 340 4.15 13.32 15.73
C TYR B 340 4.97 12.86 16.95
N LYS B 341 4.34 12.83 18.11
CA LYS B 341 5.06 12.43 19.31
C LYS B 341 5.42 10.96 19.29
N PHE B 342 4.58 10.11 18.67
CA PHE B 342 4.95 8.71 18.49
C PHE B 342 6.19 8.63 17.61
N LYS B 343 6.20 9.41 16.53
CA LYS B 343 7.34 9.41 15.61
C LYS B 343 8.64 9.77 16.34
N LYS B 344 8.58 10.80 17.18
CA LYS B 344 9.74 11.25 17.92
C LYS B 344 10.15 10.31 19.04
N ALA B 345 9.17 9.71 19.71
CA ALA B 345 9.48 8.84 20.83
C ALA B 345 9.91 7.42 20.39
N LEU B 346 9.41 6.95 19.25
CA LEU B 346 9.59 5.52 18.89
C LEU B 346 10.79 5.30 17.99
N HIS B 347 11.96 5.36 18.60
CA HIS B 347 13.22 5.05 17.95
C HIS B 347 14.21 4.73 19.07
N GLN C 34 -11.71 -27.98 -34.58
CA GLN C 34 -10.44 -28.26 -33.91
C GLN C 34 -9.51 -27.06 -34.03
N LEU C 35 -9.56 -26.36 -35.17
CA LEU C 35 -8.84 -25.11 -35.35
C LEU C 35 -9.73 -23.90 -35.04
N ASP C 36 -9.16 -22.85 -34.47
CA ASP C 36 -9.89 -21.61 -34.26
C ASP C 36 -10.24 -21.01 -35.63
N PRO C 37 -11.31 -20.20 -35.68
CA PRO C 37 -11.82 -19.65 -36.96
C PRO C 37 -10.79 -18.94 -37.82
N ILE C 38 -9.92 -18.13 -37.21
CA ILE C 38 -8.92 -17.40 -37.98
C ILE C 38 -7.91 -18.35 -38.61
N THR C 39 -7.43 -19.31 -37.83
CA THR C 39 -6.47 -20.30 -38.34
C THR C 39 -7.11 -21.21 -39.39
N GLN C 40 -8.36 -21.61 -39.14
CA GLN C 40 -9.08 -22.44 -40.10
C GLN C 40 -9.27 -21.74 -41.45
N ALA C 41 -9.64 -20.46 -41.38
CA ALA C 41 -9.81 -19.66 -42.58
C ALA C 41 -8.49 -19.56 -43.36
N TYR C 42 -7.38 -19.39 -42.64
CA TYR C 42 -6.07 -19.38 -43.30
C TYR C 42 -5.79 -20.71 -43.98
N ALA C 43 -6.05 -21.81 -43.29
CA ALA C 43 -5.83 -23.13 -43.84
C ALA C 43 -6.69 -23.38 -45.09
N ASP C 44 -7.94 -22.94 -45.04
CA ASP C 44 -8.83 -23.11 -46.19
C ASP C 44 -8.36 -22.29 -47.38
N ALA C 45 -7.99 -21.04 -47.14
CA ALA C 45 -7.58 -20.10 -48.18
C ALA C 45 -6.35 -20.58 -48.96
N ILE C 46 -5.55 -21.47 -48.35
CA ILE C 46 -4.34 -21.94 -49.01
C ILE C 46 -4.40 -23.43 -49.33
N SER C 47 -5.53 -24.07 -49.04
CA SER C 47 -5.62 -25.51 -49.24
C SER C 47 -5.48 -25.93 -50.72
N SER C 48 -5.87 -25.03 -51.62
CA SER C 48 -5.76 -25.27 -53.06
C SER C 48 -4.38 -24.89 -53.64
N ARG C 49 -3.52 -24.27 -52.84
CA ARG C 49 -2.22 -23.80 -53.33
C ARG C 49 -1.20 -24.94 -53.21
N PRO C 50 -0.33 -25.08 -54.22
CA PRO C 50 0.71 -26.12 -54.16
C PRO C 50 1.75 -25.77 -53.10
N SER C 51 2.32 -26.78 -52.45
CA SER C 51 3.38 -26.53 -51.49
C SER C 51 4.56 -25.80 -52.14
N LEU C 52 5.17 -24.90 -51.40
CA LEU C 52 6.31 -24.15 -51.90
C LEU C 52 7.59 -25.00 -51.77
N PHE C 53 7.48 -26.08 -51.01
CA PHE C 53 8.60 -26.99 -50.82
C PHE C 53 8.60 -28.03 -51.92
N ALA C 54 8.93 -27.56 -53.12
CA ALA C 54 8.97 -28.40 -54.31
C ALA C 54 9.79 -27.69 -55.39
N PHE C 55 10.29 -28.47 -56.33
CA PHE C 55 11.00 -27.92 -57.47
C PHE C 55 10.03 -27.68 -58.64
N PRO C 56 10.26 -26.61 -59.40
CA PRO C 56 11.32 -25.65 -59.14
C PRO C 56 10.99 -24.72 -57.96
N LEU C 57 12.02 -24.32 -57.24
CA LEU C 57 11.86 -23.41 -56.12
C LEU C 57 11.50 -22.02 -56.61
N PRO C 58 10.77 -21.25 -55.79
CA PRO C 58 10.56 -19.83 -56.12
C PRO C 58 11.92 -19.19 -56.22
N GLU C 59 12.09 -18.10 -56.97
CA GLU C 59 13.42 -17.58 -57.17
C GLU C 59 13.74 -16.58 -56.07
N ILE C 60 12.68 -16.11 -55.43
CA ILE C 60 12.80 -15.30 -54.22
C ILE C 60 12.66 -16.21 -53.01
N ARG C 61 13.68 -16.24 -52.14
CA ARG C 61 13.67 -17.17 -51.02
C ARG C 61 13.25 -16.44 -49.73
N ASP C 62 13.28 -15.12 -49.78
CA ASP C 62 12.85 -14.29 -48.67
C ASP C 62 12.11 -13.08 -49.20
N GLY C 63 10.92 -12.80 -48.70
CA GLY C 63 10.19 -11.61 -49.10
C GLY C 63 9.16 -11.18 -48.08
N TYR C 64 8.69 -9.94 -48.16
CA TYR C 64 7.71 -9.44 -47.20
C TYR C 64 6.36 -10.13 -47.40
N GLN C 65 5.66 -10.39 -46.30
CA GLN C 65 4.31 -10.96 -46.36
C GLN C 65 3.36 -9.83 -46.74
N SER C 66 3.81 -8.61 -46.45
CA SER C 66 3.18 -7.36 -46.80
C SER C 66 1.70 -7.34 -46.43
N SER C 72 11.88 0.43 -40.80
CA SER C 72 11.17 0.33 -39.54
C SER C 72 11.29 1.63 -38.74
N THR C 73 10.28 1.93 -37.94
CA THR C 73 10.29 3.13 -37.12
C THR C 73 10.31 2.85 -35.60
N GLU C 74 10.24 1.57 -35.24
CA GLU C 74 10.25 1.19 -33.83
C GLU C 74 11.64 0.75 -33.35
N PHE C 75 12.53 0.50 -34.30
CA PHE C 75 13.89 0.08 -33.98
C PHE C 75 14.86 0.46 -35.09
N THR C 76 16.14 0.55 -34.74
CA THR C 76 17.19 0.78 -35.73
C THR C 76 17.60 -0.54 -36.37
N THR C 77 18.19 -0.45 -37.55
CA THR C 77 18.68 -1.63 -38.24
C THR C 77 20.15 -1.40 -38.60
N LYS C 78 21.04 -2.28 -38.14
CA LYS C 78 22.43 -2.27 -38.59
C LYS C 78 22.75 -3.59 -39.29
N ILE C 79 23.17 -3.49 -40.55
CA ILE C 79 23.55 -4.65 -41.35
C ILE C 79 25.02 -4.96 -41.10
N LEU C 80 25.28 -6.19 -40.65
CA LEU C 80 26.63 -6.58 -40.27
C LEU C 80 27.11 -7.66 -41.23
N SER C 81 28.31 -7.47 -41.81
CA SER C 81 28.97 -8.52 -42.57
C SER C 81 30.10 -9.10 -41.74
N LEU C 82 29.86 -10.28 -41.19
CA LEU C 82 30.79 -10.90 -40.27
C LEU C 82 31.74 -11.80 -41.02
N PRO C 83 33.06 -11.55 -40.89
CA PRO C 83 34.05 -12.34 -41.63
C PRO C 83 34.33 -13.66 -40.93
N VAL C 84 33.31 -14.47 -40.74
CA VAL C 84 33.43 -15.67 -39.93
C VAL C 84 32.70 -16.85 -40.58
N GLY C 85 32.95 -18.05 -40.08
CA GLY C 85 32.25 -19.24 -40.53
C GLY C 85 32.84 -19.85 -41.79
N PRO C 86 32.33 -21.02 -42.19
CA PRO C 86 32.95 -21.84 -43.25
C PRO C 86 33.00 -21.17 -44.62
N THR C 87 32.13 -20.21 -44.89
CA THR C 87 32.10 -19.57 -46.20
C THR C 87 32.86 -18.26 -46.19
N GLY C 88 33.35 -17.86 -45.02
CA GLY C 88 34.07 -16.61 -44.91
C GLY C 88 33.22 -15.37 -44.66
N ASN C 89 31.91 -15.53 -44.73
CA ASN C 89 30.98 -14.45 -44.40
C ASN C 89 29.68 -14.96 -43.80
N VAL C 90 29.18 -14.23 -42.80
CA VAL C 90 27.82 -14.40 -42.31
C VAL C 90 27.17 -13.02 -42.19
N THR C 91 26.03 -12.85 -42.83
CA THR C 91 25.28 -11.60 -42.70
C THR C 91 24.39 -11.67 -41.46
N ALA C 92 24.41 -10.61 -40.66
CA ALA C 92 23.55 -10.52 -39.50
C ALA C 92 22.92 -9.13 -39.45
N TYR C 93 21.69 -9.06 -38.95
CA TYR C 93 21.02 -7.79 -38.73
C TYR C 93 20.88 -7.53 -37.22
N LEU C 94 21.39 -6.39 -36.78
CA LEU C 94 21.23 -5.97 -35.40
C LEU C 94 20.12 -4.96 -35.32
N TYR C 95 19.03 -5.33 -34.65
CA TYR C 95 17.88 -4.46 -34.44
C TYR C 95 17.83 -3.96 -33.01
N LYS C 96 17.77 -2.65 -32.81
CA LYS C 96 17.70 -2.11 -31.45
C LYS C 96 16.48 -1.24 -31.25
N PRO C 97 15.67 -1.54 -30.22
CA PRO C 97 14.49 -0.79 -29.78
C PRO C 97 14.82 0.60 -29.24
N VAL C 98 13.83 1.49 -29.26
CA VAL C 98 14.01 2.85 -28.74
C VAL C 98 14.12 2.89 -27.21
N ASP C 107 22.20 -0.05 -19.17
CA ASP C 107 23.03 0.81 -20.02
C ASP C 107 23.19 0.13 -21.38
N LEU C 108 23.73 -1.08 -21.32
CA LEU C 108 23.80 -1.99 -22.45
C LEU C 108 22.47 -2.75 -22.63
N LEU C 109 21.98 -2.83 -23.86
CA LEU C 109 20.73 -3.55 -24.10
C LEU C 109 20.93 -5.06 -23.96
N PRO C 110 19.92 -5.76 -23.40
CA PRO C 110 19.94 -7.22 -23.53
C PRO C 110 19.84 -7.58 -25.01
N VAL C 111 20.26 -8.77 -25.41
CA VAL C 111 20.23 -9.10 -26.82
C VAL C 111 19.78 -10.53 -27.04
N ILE C 112 18.88 -10.70 -27.99
CA ILE C 112 18.39 -12.01 -28.41
C ILE C 112 19.00 -12.41 -29.75
N ALA C 113 19.79 -13.48 -29.77
CA ALA C 113 20.23 -14.05 -31.03
C ALA C 113 19.09 -14.87 -31.61
N TYR C 114 18.59 -14.49 -32.78
CA TYR C 114 17.43 -15.15 -33.34
C TYR C 114 17.79 -15.94 -34.59
N PHE C 115 17.36 -17.20 -34.63
CA PHE C 115 17.63 -18.07 -35.78
C PHE C 115 16.32 -18.47 -36.45
N HIS C 116 16.07 -17.94 -37.64
CA HIS C 116 14.74 -18.07 -38.27
C HIS C 116 14.48 -19.43 -38.89
N GLY C 117 13.20 -19.75 -39.06
CA GLY C 117 12.78 -20.98 -39.70
C GLY C 117 12.49 -20.73 -41.17
N GLY C 118 11.82 -21.68 -41.81
CA GLY C 118 11.64 -21.69 -43.25
C GLY C 118 12.26 -22.91 -43.90
N GLY C 119 12.42 -23.98 -43.14
CA GLY C 119 12.91 -25.22 -43.72
C GLY C 119 14.33 -25.23 -44.22
N TRP C 120 15.16 -24.31 -43.72
CA TRP C 120 16.55 -24.11 -44.13
C TRP C 120 16.67 -23.63 -45.59
N VAL C 121 15.54 -23.64 -46.32
CA VAL C 121 15.48 -23.25 -47.73
C VAL C 121 14.99 -21.83 -47.91
N PHE C 122 14.09 -21.41 -47.02
CA PHE C 122 13.46 -20.09 -47.08
C PHE C 122 13.71 -19.28 -45.82
N GLY C 123 13.35 -17.99 -45.91
CA GLY C 123 13.36 -17.10 -44.77
C GLY C 123 14.48 -16.08 -44.79
N GLY C 124 14.36 -15.10 -43.92
CA GLY C 124 15.30 -14.00 -43.83
C GLY C 124 14.57 -12.88 -43.14
N PRO C 125 15.21 -11.70 -43.05
CA PRO C 125 14.69 -10.55 -42.30
C PRO C 125 13.35 -10.06 -42.84
N LYS C 126 13.10 -10.24 -44.14
CA LYS C 126 11.86 -9.73 -44.73
C LYS C 126 10.64 -10.53 -44.27
N SER C 127 10.70 -11.85 -44.42
CA SER C 127 9.55 -12.68 -44.06
C SER C 127 9.38 -12.73 -42.54
N TYR C 128 10.42 -12.38 -41.79
CA TYR C 128 10.34 -12.43 -40.34
C TYR C 128 10.14 -11.06 -39.71
N ARG C 129 9.85 -10.06 -40.56
CA ARG C 129 9.70 -8.70 -40.06
C ARG C 129 8.63 -8.62 -38.97
N GLY C 130 7.52 -9.33 -39.15
CA GLY C 130 6.45 -9.32 -38.16
C GLY C 130 6.83 -9.93 -36.81
N LEU C 131 7.43 -11.11 -36.82
CA LEU C 131 7.84 -11.73 -35.55
C LEU C 131 8.92 -10.92 -34.85
N ILE C 132 9.93 -10.47 -35.60
CA ILE C 132 11.00 -9.65 -35.04
C ILE C 132 10.44 -8.38 -34.40
N THR C 133 9.49 -7.75 -35.09
CA THR C 133 8.87 -6.55 -34.57
C THR C 133 8.18 -6.82 -33.24
N ASN C 134 7.41 -7.90 -33.20
CA ASN C 134 6.74 -8.36 -31.98
C ASN C 134 7.75 -8.67 -30.89
N LEU C 135 8.79 -9.44 -31.21
CA LEU C 135 9.79 -9.76 -30.20
C LEU C 135 10.42 -8.53 -29.60
N ILE C 136 10.77 -7.58 -30.44
CA ILE C 136 11.43 -6.38 -29.94
C ILE C 136 10.49 -5.56 -29.05
N ARG C 137 9.24 -5.40 -29.47
CA ARG C 137 8.25 -4.64 -28.70
C ARG C 137 8.02 -5.25 -27.33
N GLU C 138 7.83 -6.57 -27.29
CA GLU C 138 7.47 -7.27 -26.06
C GLU C 138 8.66 -7.53 -25.14
N SER C 139 9.83 -7.79 -25.73
CA SER C 139 10.99 -8.11 -24.90
C SER C 139 11.73 -6.86 -24.46
N GLY C 140 11.67 -5.81 -25.28
CA GLY C 140 12.48 -4.63 -25.02
C GLY C 140 13.96 -4.88 -25.24
N ALA C 141 14.31 -6.02 -25.83
CA ALA C 141 15.70 -6.34 -26.11
C ALA C 141 16.12 -6.07 -27.55
N ALA C 142 17.42 -5.97 -27.78
CA ALA C 142 17.92 -5.98 -29.13
C ALA C 142 17.79 -7.38 -29.73
N VAL C 143 17.71 -7.46 -31.05
CA VAL C 143 17.66 -8.75 -31.71
C VAL C 143 18.81 -8.84 -32.73
N PHE C 144 19.61 -9.89 -32.58
CA PHE C 144 20.72 -10.21 -33.45
C PHE C 144 20.23 -11.32 -34.39
N PHE C 145 19.76 -10.92 -35.57
CA PHE C 145 19.10 -11.82 -36.50
C PHE C 145 20.12 -12.38 -37.48
N VAL C 146 20.39 -13.68 -37.38
CA VAL C 146 21.43 -14.26 -38.23
C VAL C 146 20.83 -14.66 -39.59
N ASP C 147 21.29 -13.99 -40.64
CA ASP C 147 20.79 -14.27 -41.99
C ASP C 147 21.68 -15.29 -42.65
N TYR C 148 21.64 -16.53 -42.15
CA TYR C 148 22.53 -17.59 -42.61
C TYR C 148 22.23 -18.00 -44.07
N THR C 149 23.19 -18.66 -44.70
CA THR C 149 23.05 -19.08 -46.09
C THR C 149 22.03 -20.22 -46.19
N LEU C 150 21.14 -20.10 -47.18
CA LEU C 150 20.06 -21.06 -47.31
C LEU C 150 20.46 -22.27 -48.14
N THR C 151 19.76 -23.37 -47.91
CA THR C 151 19.94 -24.56 -48.73
C THR C 151 19.27 -24.36 -50.09
N PRO C 152 19.75 -25.04 -51.13
CA PRO C 152 20.91 -25.94 -51.10
C PRO C 152 22.21 -25.28 -51.54
N LYS C 153 22.30 -23.94 -51.52
CA LYS C 153 23.59 -23.29 -51.76
C LYS C 153 24.63 -23.84 -50.81
N VAL C 154 24.20 -24.07 -49.57
CA VAL C 154 25.00 -24.84 -48.63
C VAL C 154 24.09 -25.88 -48.00
N ALA C 155 24.68 -26.78 -47.24
CA ALA C 155 23.92 -27.79 -46.53
C ALA C 155 24.51 -27.95 -45.13
N TYR C 156 23.84 -28.72 -44.28
CA TYR C 156 24.38 -29.09 -42.98
C TYR C 156 25.85 -29.52 -43.14
N PRO C 157 26.74 -29.13 -42.20
CA PRO C 157 26.48 -28.32 -40.99
C PRO C 157 26.78 -26.84 -41.15
N VAL C 158 26.81 -26.33 -42.38
CA VAL C 158 27.24 -24.95 -42.61
C VAL C 158 26.29 -23.90 -41.97
N PRO C 159 24.96 -24.05 -42.13
CA PRO C 159 24.11 -23.09 -41.41
C PRO C 159 24.31 -23.16 -39.90
N ASN C 160 24.46 -24.36 -39.34
CA ASN C 160 24.72 -24.51 -37.91
C ASN C 160 25.99 -23.77 -37.51
N GLU C 161 27.06 -23.97 -38.28
CA GLU C 161 28.35 -23.36 -37.97
C GLU C 161 28.35 -21.86 -38.21
N GLN C 162 27.58 -21.41 -39.20
CA GLN C 162 27.45 -19.96 -39.44
C GLN C 162 26.80 -19.30 -38.22
N CYS C 163 25.71 -19.90 -37.74
CA CYS C 163 24.99 -19.39 -36.59
C CYS C 163 25.85 -19.41 -35.32
N TYR C 164 26.54 -20.53 -35.10
CA TYR C 164 27.43 -20.64 -33.95
C TYR C 164 28.51 -19.55 -34.00
N ALA C 165 29.15 -19.40 -35.15
CA ALA C 165 30.25 -18.43 -35.31
C ALA C 165 29.76 -16.98 -35.20
N ALA C 166 28.55 -16.69 -35.68
CA ALA C 166 27.98 -15.36 -35.54
C ALA C 166 27.75 -15.05 -34.05
N VAL C 167 27.30 -16.04 -33.28
CA VAL C 167 27.15 -15.87 -31.84
C VAL C 167 28.51 -15.57 -31.15
N GLN C 168 29.57 -16.29 -31.52
CA GLN C 168 30.89 -16.05 -30.93
C GLN C 168 31.36 -14.62 -31.26
N TRP C 169 31.06 -14.16 -32.47
CA TRP C 169 31.38 -12.78 -32.83
C TRP C 169 30.61 -11.77 -31.96
N LEU C 170 29.32 -12.04 -31.74
CA LEU C 170 28.48 -11.18 -30.92
C LEU C 170 29.00 -11.10 -29.48
N LEU C 171 29.42 -12.25 -28.95
CA LEU C 171 29.96 -12.31 -27.59
C LEU C 171 31.16 -11.42 -27.45
N GLU C 172 32.02 -11.40 -28.47
CA GLU C 172 33.24 -10.64 -28.38
C GLU C 172 33.00 -9.15 -28.61
N HIS C 173 32.06 -8.83 -29.50
CA HIS C 173 31.96 -7.45 -29.95
C HIS C 173 30.69 -6.74 -29.56
N GLY C 174 29.78 -7.44 -28.89
CA GLY C 174 28.47 -6.88 -28.62
C GLY C 174 28.51 -5.56 -27.87
N GLU C 175 29.40 -5.47 -26.88
CA GLU C 175 29.43 -4.30 -26.02
C GLU C 175 29.67 -3.02 -26.81
N LYS C 176 30.55 -3.10 -27.81
CA LYS C 176 30.81 -1.95 -28.65
C LYS C 176 29.65 -1.65 -29.61
N LEU C 177 28.66 -2.54 -29.66
CA LEU C 177 27.46 -2.30 -30.45
C LEU C 177 26.31 -1.85 -29.56
N GLY C 178 26.60 -1.74 -28.26
CA GLY C 178 25.63 -1.23 -27.32
C GLY C 178 24.73 -2.31 -26.74
N VAL C 179 25.14 -3.57 -26.85
CA VAL C 179 24.38 -4.67 -26.27
C VAL C 179 25.23 -5.41 -25.25
N ASP C 180 24.58 -6.12 -24.35
CA ASP C 180 25.27 -6.83 -23.29
C ASP C 180 25.32 -8.32 -23.57
N PRO C 181 26.49 -8.80 -24.01
CA PRO C 181 26.64 -10.22 -24.35
C PRO C 181 26.45 -11.16 -23.16
N THR C 182 26.52 -10.62 -21.94
CA THR C 182 26.28 -11.43 -20.74
C THR C 182 24.80 -11.50 -20.43
N ASN C 183 23.99 -10.75 -21.18
CA ASN C 183 22.55 -10.91 -21.08
C ASN C 183 21.93 -11.35 -22.39
N MET C 184 22.21 -12.57 -22.79
CA MET C 184 21.87 -13.02 -24.12
C MET C 184 20.74 -14.05 -24.10
N GLY C 185 19.82 -13.95 -25.06
CA GLY C 185 18.84 -14.99 -25.26
C GLY C 185 19.09 -15.70 -26.58
N PHE C 186 18.64 -16.95 -26.70
CA PHE C 186 18.55 -17.64 -27.99
C PHE C 186 17.08 -17.78 -28.34
N GLY C 187 16.74 -17.53 -29.59
CA GLY C 187 15.40 -17.85 -30.08
C GLY C 187 15.43 -18.48 -31.47
N GLY C 188 14.51 -19.40 -31.73
CA GLY C 188 14.42 -20.01 -33.05
C GLY C 188 13.11 -20.75 -33.25
N ASP C 189 12.61 -20.71 -34.49
CA ASP C 189 11.34 -21.38 -34.80
C ASP C 189 11.54 -22.44 -35.86
N SER C 190 10.93 -23.60 -35.63
CA SER C 190 10.93 -24.68 -36.60
C SER C 190 12.37 -25.10 -36.97
N ALA C 191 12.79 -24.94 -38.23
CA ALA C 191 14.21 -25.22 -38.60
C ALA C 191 15.16 -24.35 -37.77
N GLY C 192 14.73 -23.13 -37.48
CA GLY C 192 15.49 -22.24 -36.64
C GLY C 192 15.60 -22.72 -35.20
N GLY C 193 14.63 -23.54 -34.78
CA GLY C 193 14.65 -24.19 -33.47
C GLY C 193 15.69 -25.29 -33.44
N GLU C 194 15.87 -25.95 -34.58
CA GLU C 194 16.98 -26.87 -34.76
C GLU C 194 18.28 -26.10 -34.63
N LEU C 195 18.37 -24.94 -35.31
CA LEU C 195 19.60 -24.16 -35.27
C LEU C 195 19.89 -23.61 -33.87
N SER C 196 18.86 -23.12 -33.17
CA SER C 196 19.06 -22.59 -31.84
C SER C 196 19.61 -23.68 -30.89
N SER C 197 18.95 -24.84 -30.86
CA SER C 197 19.37 -25.91 -29.96
C SER C 197 20.68 -26.50 -30.42
N SER C 198 20.93 -26.47 -31.73
CA SER C 198 22.23 -26.88 -32.25
C SER C 198 23.37 -25.96 -31.78
N VAL C 199 23.14 -24.65 -31.80
CA VAL C 199 24.17 -23.70 -31.34
C VAL C 199 24.43 -23.86 -29.82
N SER C 200 23.38 -24.08 -29.05
CA SER C 200 23.49 -24.40 -27.62
C SER C 200 24.35 -25.64 -27.41
N LEU C 201 24.06 -26.70 -28.17
CA LEU C 201 24.81 -27.94 -28.06
C LEU C 201 26.27 -27.73 -28.41
N LEU C 202 26.54 -26.97 -29.46
CA LEU C 202 27.91 -26.67 -29.86
C LEU C 202 28.64 -25.82 -28.82
N SER C 203 27.91 -24.95 -28.13
CA SER C 203 28.49 -24.13 -27.08
C SER C 203 29.00 -25.00 -25.95
N ILE C 204 28.21 -26.01 -25.62
CA ILE C 204 28.55 -26.96 -24.58
C ILE C 204 29.76 -27.81 -24.97
N LYS C 205 29.72 -28.39 -26.16
CA LYS C 205 30.82 -29.19 -26.68
C LYS C 205 32.12 -28.40 -26.78
N ARG C 206 32.03 -27.12 -27.09
CA ARG C 206 33.22 -26.31 -27.34
C ARG C 206 33.52 -25.37 -26.20
N LYS C 207 32.75 -25.50 -25.12
CA LYS C 207 32.96 -24.70 -23.92
C LYS C 207 32.96 -23.19 -24.14
N THR C 208 31.99 -22.67 -24.89
CA THR C 208 31.87 -21.20 -25.07
C THR C 208 30.58 -20.75 -24.38
N PRO C 209 30.45 -19.44 -24.06
CA PRO C 209 29.34 -18.98 -23.21
C PRO C 209 27.95 -19.32 -23.76
N LEU C 210 27.09 -19.81 -22.88
CA LEU C 210 25.69 -20.07 -23.19
C LEU C 210 24.83 -18.84 -22.93
N PRO C 211 23.65 -18.76 -23.57
CA PRO C 211 22.72 -17.67 -23.25
C PRO C 211 22.06 -17.89 -21.90
N LYS C 212 21.48 -16.84 -21.33
CA LYS C 212 20.73 -16.96 -20.09
C LYS C 212 19.43 -17.69 -20.30
N PHE C 213 18.87 -17.60 -21.50
CA PHE C 213 17.53 -18.09 -21.74
C PHE C 213 17.32 -18.42 -23.22
N GLN C 214 16.62 -19.50 -23.50
CA GLN C 214 16.41 -19.97 -24.88
C GLN C 214 14.94 -20.25 -25.15
N VAL C 215 14.44 -19.76 -26.28
CA VAL C 215 13.07 -20.07 -26.70
C VAL C 215 13.06 -20.87 -28.02
N LEU C 216 12.42 -22.04 -27.98
CA LEU C 216 12.24 -22.89 -29.15
C LEU C 216 10.76 -22.90 -29.51
N ILE C 217 10.43 -22.46 -30.73
CA ILE C 217 9.05 -22.39 -31.20
C ILE C 217 8.83 -23.50 -32.23
N TYR C 218 7.90 -24.42 -31.93
CA TYR C 218 7.66 -25.65 -32.71
C TYR C 218 8.95 -26.17 -33.38
N PRO C 219 9.96 -26.47 -32.55
CA PRO C 219 11.26 -26.78 -33.12
C PRO C 219 11.34 -28.14 -33.78
N ALA C 220 12.19 -28.22 -34.78
CA ALA C 220 12.68 -29.52 -35.22
C ALA C 220 13.85 -29.88 -34.33
N THR C 221 13.82 -31.06 -33.73
CA THR C 221 14.88 -31.48 -32.83
C THR C 221 15.48 -32.81 -33.28
N ASP C 222 14.76 -33.52 -34.13
CA ASP C 222 15.19 -34.83 -34.61
C ASP C 222 14.89 -35.02 -36.08
N LEU C 223 15.93 -34.97 -36.91
CA LEU C 223 15.76 -35.05 -38.35
C LEU C 223 15.74 -36.49 -38.86
N ALA C 224 16.07 -37.43 -37.98
CA ALA C 224 16.25 -38.82 -38.38
C ALA C 224 14.96 -39.63 -38.27
N CYS C 225 14.23 -39.44 -37.16
CA CYS C 225 13.06 -40.26 -36.88
C CYS C 225 11.74 -39.57 -37.16
N GLU C 226 10.74 -40.36 -37.50
CA GLU C 226 9.39 -39.87 -37.57
C GLU C 226 8.77 -40.16 -36.21
N SER C 227 7.96 -39.23 -35.73
CA SER C 227 7.41 -39.33 -34.40
C SER C 227 5.92 -39.54 -34.51
N ALA C 228 5.29 -39.80 -33.38
CA ALA C 228 3.88 -40.12 -33.32
C ALA C 228 3.02 -39.13 -34.11
N THR C 229 3.31 -37.83 -33.97
CA THR C 229 2.48 -36.81 -34.59
C THR C 229 2.62 -36.72 -36.12
N PHE C 230 3.67 -37.34 -36.65
CA PHE C 230 3.80 -37.51 -38.09
C PHE C 230 2.58 -38.29 -38.63
N LYS C 231 2.20 -39.33 -37.91
CA LYS C 231 1.06 -40.18 -38.27
C LYS C 231 -0.26 -39.47 -38.04
N GLU C 232 -0.33 -38.68 -36.98
CA GLU C 232 -1.57 -37.99 -36.62
C GLU C 232 -1.88 -36.82 -37.56
N PHE C 233 -0.85 -36.08 -37.97
CA PHE C 233 -1.07 -34.95 -38.87
C PHE C 233 -0.24 -34.99 -40.17
N PRO C 234 -0.34 -36.08 -40.96
CA PRO C 234 0.54 -36.30 -42.12
C PRO C 234 0.49 -35.17 -43.15
N ASN C 235 -0.66 -34.54 -43.31
CA ASN C 235 -0.73 -33.32 -44.10
C ASN C 235 -1.56 -32.23 -43.41
N GLY C 236 -1.84 -32.45 -42.11
CA GLY C 236 -2.58 -31.50 -41.28
C GLY C 236 -1.99 -30.14 -41.57
N PRO C 237 -2.86 -29.14 -41.78
CA PRO C 237 -2.47 -27.92 -42.50
C PRO C 237 -1.29 -27.21 -41.83
N GLY C 238 -0.59 -26.35 -42.56
CA GLY C 238 0.50 -25.57 -41.99
C GLY C 238 1.87 -26.21 -42.17
N LEU C 239 1.94 -27.53 -42.10
CA LEU C 239 3.19 -28.27 -42.28
C LEU C 239 2.84 -29.72 -42.55
N THR C 240 3.34 -30.28 -43.66
CA THR C 240 3.07 -31.66 -44.01
C THR C 240 4.30 -32.56 -43.89
N THR C 241 4.07 -33.87 -43.87
CA THR C 241 5.18 -34.81 -43.79
C THR C 241 6.06 -34.75 -45.05
N ASP C 242 5.46 -34.46 -46.20
CA ASP C 242 6.24 -34.32 -47.44
C ASP C 242 7.16 -33.09 -47.36
N GLU C 243 6.64 -32.01 -46.81
CA GLU C 243 7.44 -30.80 -46.67
C GLU C 243 8.61 -31.06 -45.72
N ILE C 244 8.38 -31.85 -44.68
CA ILE C 244 9.43 -32.20 -43.77
C ILE C 244 10.55 -32.98 -44.44
N ARG C 245 10.19 -34.03 -45.19
CA ARG C 245 11.22 -34.82 -45.82
C ARG C 245 11.88 -33.99 -46.93
N PHE C 246 11.10 -33.14 -47.61
CA PHE C 246 11.70 -32.26 -48.61
C PHE C 246 12.80 -31.36 -48.01
N ALA C 247 12.52 -30.70 -46.89
CA ALA C 247 13.50 -29.80 -46.26
C ALA C 247 14.76 -30.55 -45.85
N ALA C 248 14.57 -31.73 -45.29
CA ALA C 248 15.66 -32.58 -44.84
C ALA C 248 16.51 -33.08 -46.01
N SER C 249 15.89 -33.24 -47.18
CA SER C 249 16.64 -33.75 -48.32
C SER C 249 17.63 -32.71 -48.86
N LEU C 250 17.31 -31.42 -48.67
CA LEU C 250 18.22 -30.37 -49.09
C LEU C 250 19.26 -30.03 -48.01
N PHE C 251 18.84 -30.07 -46.74
CA PHE C 251 19.69 -29.66 -45.62
C PHE C 251 20.60 -30.79 -45.20
N THR C 252 20.04 -31.98 -45.13
CA THR C 252 20.79 -33.18 -44.80
C THR C 252 20.49 -34.31 -45.80
N PRO C 253 21.02 -34.20 -47.03
CA PRO C 253 20.69 -35.20 -48.05
C PRO C 253 21.10 -36.61 -47.63
N ASP C 254 22.17 -36.72 -46.87
CA ASP C 254 22.65 -37.99 -46.35
C ASP C 254 21.99 -38.32 -45.00
N PRO C 255 21.11 -39.34 -44.98
CA PRO C 255 20.39 -39.68 -43.73
C PRO C 255 21.31 -39.93 -42.56
N LYS C 256 22.57 -40.28 -42.81
CA LYS C 256 23.48 -40.49 -41.69
C LYS C 256 23.81 -39.18 -40.98
N SER C 257 23.74 -38.07 -41.69
CA SER C 257 23.97 -36.76 -41.06
C SER C 257 22.89 -36.52 -40.02
N ARG C 258 21.68 -37.01 -40.30
CA ARG C 258 20.54 -36.73 -39.43
C ARG C 258 20.67 -37.36 -38.06
N LEU C 259 21.57 -38.33 -37.94
CA LEU C 259 21.76 -39.03 -36.68
C LEU C 259 22.73 -38.27 -35.79
N GLU C 260 23.49 -37.35 -36.39
CA GLU C 260 24.46 -36.58 -35.62
C GLU C 260 23.75 -35.64 -34.65
N ASP C 261 24.32 -35.50 -33.46
CA ASP C 261 23.69 -34.69 -32.44
C ASP C 261 23.64 -33.21 -32.84
N VAL C 262 24.65 -32.73 -33.57
CA VAL C 262 24.67 -31.34 -34.01
C VAL C 262 23.52 -31.09 -34.98
N ALA C 263 23.20 -32.07 -35.83
CA ALA C 263 22.07 -31.92 -36.73
C ALA C 263 20.76 -32.05 -35.98
N SER C 264 20.71 -33.02 -35.07
CA SER C 264 19.47 -33.33 -34.36
C SER C 264 19.72 -33.32 -32.85
N PRO C 265 19.63 -32.14 -32.23
CA PRO C 265 19.96 -32.03 -30.80
C PRO C 265 19.06 -32.87 -29.88
N GLY C 266 17.88 -33.28 -30.35
CA GLY C 266 17.03 -34.19 -29.61
C GLY C 266 17.67 -35.54 -29.31
N ARG C 267 18.70 -35.87 -30.09
CA ARG C 267 19.45 -37.13 -29.99
C ARG C 267 20.82 -36.94 -29.32
N ALA C 268 21.05 -35.78 -28.72
CA ALA C 268 22.32 -35.53 -28.05
C ALA C 268 22.46 -36.38 -26.79
N SER C 269 23.68 -36.47 -26.28
CA SER C 269 23.91 -37.26 -25.08
C SER C 269 23.31 -36.57 -23.86
N ASP C 270 22.91 -37.36 -22.87
CA ASP C 270 22.42 -36.87 -21.59
C ASP C 270 23.37 -35.87 -20.97
N GLU C 271 24.66 -36.20 -21.03
CA GLU C 271 25.66 -35.37 -20.39
C GLU C 271 25.73 -33.97 -21.03
N ASP C 272 25.57 -33.90 -22.35
CA ASP C 272 25.54 -32.59 -23.00
C ASP C 272 24.23 -31.86 -22.71
N LEU C 273 23.10 -32.55 -22.90
CA LEU C 273 21.79 -31.90 -22.76
C LEU C 273 21.54 -31.35 -21.36
N ALA C 274 22.13 -32.00 -20.37
CA ALA C 274 21.98 -31.59 -18.97
C ALA C 274 22.55 -30.19 -18.70
N LYS C 275 23.37 -29.70 -19.62
CA LYS C 275 24.01 -28.40 -19.49
C LYS C 275 23.29 -27.34 -20.30
N PHE C 276 22.14 -27.67 -20.89
CA PHE C 276 21.43 -26.68 -21.69
C PHE C 276 20.96 -25.51 -20.87
N PRO C 277 20.87 -24.35 -21.51
CA PRO C 277 20.35 -23.20 -20.79
C PRO C 277 18.88 -23.39 -20.51
N GLU C 278 18.37 -22.56 -19.61
CA GLU C 278 16.97 -22.53 -19.29
C GLU C 278 16.18 -22.33 -20.58
N THR C 279 15.16 -23.15 -20.80
CA THR C 279 14.52 -23.20 -22.10
C THR C 279 13.00 -23.21 -22.00
N LEU C 280 12.35 -22.36 -22.78
CA LEU C 280 10.90 -22.39 -22.95
C LEU C 280 10.61 -22.96 -24.34
N ILE C 281 9.80 -24.01 -24.39
CA ILE C 281 9.41 -24.58 -25.67
C ILE C 281 7.91 -24.32 -25.85
N VAL C 282 7.55 -23.77 -27.02
CA VAL C 282 6.16 -23.51 -27.37
C VAL C 282 5.85 -24.34 -28.61
N VAL C 283 4.73 -25.04 -28.56
CA VAL C 283 4.38 -25.96 -29.61
C VAL C 283 2.95 -25.74 -30.12
N ALA C 284 2.70 -25.98 -31.40
CA ALA C 284 1.34 -25.91 -31.97
C ALA C 284 0.68 -27.27 -31.82
N GLU C 285 -0.64 -27.27 -31.62
CA GLU C 285 -1.37 -28.53 -31.40
C GLU C 285 -1.45 -29.36 -32.69
N VAL C 286 -1.85 -28.71 -33.78
CA VAL C 286 -2.06 -29.43 -35.03
C VAL C 286 -0.82 -29.27 -35.92
N ASP C 287 0.11 -30.21 -35.79
CA ASP C 287 1.46 -30.05 -36.33
C ASP C 287 2.15 -31.40 -36.28
N PRO C 288 2.58 -31.92 -37.43
CA PRO C 288 3.30 -33.21 -37.47
C PRO C 288 4.51 -33.21 -36.56
N ILE C 289 5.12 -32.04 -36.38
CA ILE C 289 6.37 -31.94 -35.64
C ILE C 289 6.18 -31.65 -34.15
N ARG C 290 4.92 -31.57 -33.71
CA ARG C 290 4.60 -31.25 -32.32
C ARG C 290 5.33 -32.13 -31.30
N GLN C 291 5.36 -33.43 -31.56
CA GLN C 291 5.94 -34.41 -30.65
C GLN C 291 7.41 -34.13 -30.33
N GLN C 292 8.15 -33.64 -31.33
CA GLN C 292 9.57 -33.41 -31.15
C GLN C 292 9.89 -32.39 -30.07
N GLY C 293 9.19 -31.26 -30.11
CA GLY C 293 9.35 -30.21 -29.11
C GLY C 293 8.96 -30.70 -27.73
N GLU C 294 7.86 -31.43 -27.64
CA GLU C 294 7.38 -31.92 -26.36
C GLU C 294 8.34 -32.96 -25.77
N ASP C 295 8.79 -33.91 -26.58
CA ASP C 295 9.76 -34.90 -26.10
C ASP C 295 11.08 -34.26 -25.68
N PHE C 296 11.53 -33.28 -26.46
CA PHE C 296 12.79 -32.62 -26.16
C PHE C 296 12.73 -31.93 -24.80
N GLY C 297 11.62 -31.25 -24.55
CA GLY C 297 11.39 -30.59 -23.28
C GLY C 297 11.35 -31.55 -22.11
N ARG C 298 10.64 -32.66 -22.27
CA ARG C 298 10.56 -33.68 -21.22
C ARG C 298 11.95 -34.21 -20.92
N ARG C 299 12.74 -34.37 -21.97
CA ARG C 299 14.11 -34.83 -21.82
C ARG C 299 14.97 -33.81 -21.03
N LEU C 300 14.83 -32.51 -21.34
CA LEU C 300 15.53 -31.47 -20.55
C LEU C 300 15.06 -31.47 -19.10
N GLN C 301 13.76 -31.61 -18.90
CA GLN C 301 13.19 -31.61 -17.56
C GLN C 301 13.76 -32.75 -16.69
N LYS C 302 13.77 -33.95 -17.25
CA LYS C 302 14.32 -35.12 -16.55
C LYS C 302 15.81 -34.94 -16.23
N LEU C 303 16.56 -34.29 -17.11
CA LEU C 303 17.99 -34.11 -16.90
C LEU C 303 18.31 -32.95 -15.94
N GLY C 304 17.26 -32.29 -15.44
CA GLY C 304 17.42 -31.27 -14.41
C GLY C 304 17.64 -29.86 -14.94
N VAL C 305 17.42 -29.67 -16.23
CA VAL C 305 17.40 -28.33 -16.83
C VAL C 305 16.03 -27.74 -16.58
N ARG C 306 15.98 -26.48 -16.15
CA ARG C 306 14.71 -25.78 -16.03
C ARG C 306 14.09 -25.54 -17.41
N ALA C 307 13.05 -26.30 -17.71
CA ALA C 307 12.43 -26.31 -19.01
C ALA C 307 10.91 -26.23 -18.94
N ALA C 308 10.34 -25.22 -19.58
CA ALA C 308 8.87 -25.07 -19.67
C ALA C 308 8.35 -25.52 -21.06
N ILE C 309 7.25 -26.26 -21.09
CA ILE C 309 6.67 -26.69 -22.36
C ILE C 309 5.19 -26.37 -22.43
N ILE C 310 4.80 -25.62 -23.46
CA ILE C 310 3.43 -25.16 -23.59
C ILE C 310 2.86 -25.53 -24.96
N ARG C 311 1.68 -26.15 -24.96
CA ARG C 311 0.98 -26.50 -26.18
C ARG C 311 -0.18 -25.55 -26.41
N VAL C 312 -0.21 -24.92 -27.59
CA VAL C 312 -1.27 -23.97 -27.96
C VAL C 312 -2.34 -24.66 -28.80
N LEU C 313 -3.56 -24.69 -28.31
CA LEU C 313 -4.63 -25.43 -28.98
C LEU C 313 -5.25 -24.68 -30.15
N GLY C 314 -5.69 -25.43 -31.15
CA GLY C 314 -6.43 -24.85 -32.26
C GLY C 314 -5.59 -24.10 -33.28
N THR C 315 -4.27 -24.23 -33.20
CA THR C 315 -3.40 -23.55 -34.15
C THR C 315 -2.41 -24.51 -34.81
N ILE C 316 -1.66 -23.99 -35.79
CA ILE C 316 -0.84 -24.84 -36.65
C ILE C 316 0.61 -24.33 -36.72
N HIS C 317 1.47 -25.14 -37.32
CA HIS C 317 2.86 -24.78 -37.54
C HIS C 317 2.98 -23.43 -38.22
N GLY C 318 3.89 -22.58 -37.75
CA GLY C 318 4.11 -21.30 -38.40
C GLY C 318 3.35 -20.15 -37.77
N PHE C 319 2.56 -20.41 -36.73
CA PHE C 319 1.69 -19.38 -36.20
C PHE C 319 2.43 -18.17 -35.66
N ALA C 320 3.69 -18.35 -35.28
CA ALA C 320 4.43 -17.25 -34.68
C ALA C 320 4.99 -16.26 -35.72
N SER C 321 5.14 -16.67 -36.98
CA SER C 321 5.75 -15.77 -37.95
C SER C 321 4.83 -15.41 -39.11
N ILE C 322 3.76 -16.16 -39.31
CA ILE C 322 2.83 -15.86 -40.39
C ILE C 322 1.83 -14.82 -39.92
N ASP C 323 1.87 -13.63 -40.53
CA ASP C 323 1.13 -12.46 -40.06
C ASP C 323 -0.33 -12.77 -39.68
N VAL C 324 -1.07 -13.42 -40.57
CA VAL C 324 -2.48 -13.73 -40.33
C VAL C 324 -2.65 -14.66 -39.11
N LEU C 325 -1.86 -15.71 -39.04
CA LEU C 325 -1.99 -16.66 -37.94
C LEU C 325 -1.62 -16.05 -36.59
N SER C 326 -0.70 -15.10 -36.63
CA SER C 326 -0.12 -14.55 -35.41
C SER C 326 -1.11 -13.65 -34.68
N GLU C 327 -2.21 -13.30 -35.34
CA GLU C 327 -3.21 -12.43 -34.71
C GLU C 327 -4.36 -13.20 -34.04
N ALA C 328 -4.42 -14.51 -34.26
CA ALA C 328 -5.36 -15.38 -33.55
C ALA C 328 -5.04 -15.37 -32.05
N PRO C 329 -6.05 -15.60 -31.18
CA PRO C 329 -5.87 -15.41 -29.73
C PRO C 329 -4.68 -16.20 -29.12
N GLY C 330 -4.65 -17.51 -29.33
CA GLY C 330 -3.60 -18.35 -28.80
C GLY C 330 -2.21 -17.99 -29.29
N ALA C 331 -2.08 -17.78 -30.59
CA ALA C 331 -0.80 -17.37 -31.17
C ALA C 331 -0.34 -16.06 -30.57
N LYS C 332 -1.25 -15.10 -30.53
CA LYS C 332 -0.94 -13.76 -30.06
C LYS C 332 -0.47 -13.80 -28.60
N ALA C 333 -1.17 -14.60 -27.80
CA ALA C 333 -0.84 -14.70 -26.37
C ALA C 333 0.54 -15.29 -26.16
N THR C 334 0.89 -16.31 -26.94
CA THR C 334 2.15 -16.97 -26.72
C THR C 334 3.31 -16.18 -27.33
N ILE C 335 3.03 -15.38 -28.36
CA ILE C 335 4.06 -14.49 -28.88
C ILE C 335 4.39 -13.45 -27.82
N GLU C 336 3.37 -12.91 -27.14
CA GLU C 336 3.70 -11.96 -26.09
C GLU C 336 4.32 -12.65 -24.89
N LEU C 337 3.92 -13.89 -24.62
CA LEU C 337 4.58 -14.67 -23.58
C LEU C 337 6.08 -14.77 -23.84
N ILE C 338 6.43 -15.18 -25.05
CA ILE C 338 7.82 -15.34 -25.43
C ILE C 338 8.61 -14.05 -25.22
N GLY C 339 8.10 -12.95 -25.75
CA GLY C 339 8.78 -11.67 -25.59
C GLY C 339 8.86 -11.29 -24.12
N TYR C 340 7.75 -11.49 -23.42
CA TYR C 340 7.67 -11.13 -22.00
C TYR C 340 8.69 -11.91 -21.17
N LYS C 341 8.85 -13.20 -21.43
CA LYS C 341 9.82 -14.00 -20.69
C LYS C 341 11.26 -13.67 -21.05
N PHE C 342 11.55 -13.27 -22.28
CA PHE C 342 12.88 -12.76 -22.61
C PHE C 342 13.14 -11.50 -21.76
N LYS C 343 12.13 -10.64 -21.65
CA LYS C 343 12.27 -9.42 -20.86
C LYS C 343 12.62 -9.73 -19.42
N LYS C 344 11.92 -10.69 -18.83
CA LYS C 344 12.14 -11.04 -17.44
C LYS C 344 13.44 -11.80 -17.21
N ALA C 345 13.81 -12.67 -18.16
CA ALA C 345 14.99 -13.49 -17.99
C ALA C 345 16.27 -12.72 -18.25
N LEU C 346 16.22 -11.73 -19.14
CA LEU C 346 17.47 -11.09 -19.56
C LEU C 346 17.81 -9.83 -18.76
N HIS C 347 18.19 -10.02 -17.50
CA HIS C 347 18.85 -8.96 -16.73
C HIS C 347 19.47 -9.58 -15.47
N GLN D 34 0.36 20.06 41.74
CA GLN D 34 -0.27 20.88 40.70
C GLN D 34 0.73 21.23 39.59
N LEU D 35 1.97 21.50 39.97
CA LEU D 35 3.03 21.76 39.00
C LEU D 35 3.82 20.48 38.78
N ASP D 36 4.30 20.22 37.57
CA ASP D 36 5.16 19.06 37.37
C ASP D 36 6.47 19.29 38.11
N PRO D 37 7.18 18.20 38.49
CA PRO D 37 8.40 18.32 39.31
C PRO D 37 9.46 19.27 38.75
N ILE D 38 9.70 19.23 37.44
CA ILE D 38 10.73 20.08 36.86
C ILE D 38 10.34 21.55 36.99
N THR D 39 9.08 21.84 36.70
CA THR D 39 8.58 23.20 36.79
C THR D 39 8.58 23.67 38.25
N GLN D 40 8.20 22.78 39.15
CA GLN D 40 8.20 23.07 40.58
C GLN D 40 9.60 23.39 41.10
N ALA D 41 10.59 22.60 40.68
CA ALA D 41 11.98 22.80 41.06
C ALA D 41 12.50 24.16 40.58
N TYR D 42 12.13 24.52 39.35
CA TYR D 42 12.46 25.83 38.82
C TYR D 42 11.78 26.93 39.66
N ALA D 43 10.50 26.77 39.95
CA ALA D 43 9.77 27.76 40.74
C ALA D 43 10.39 27.93 42.13
N ASP D 44 10.84 26.83 42.72
CA ASP D 44 11.48 26.86 44.04
C ASP D 44 12.81 27.63 44.01
N ALA D 45 13.65 27.33 43.04
CA ALA D 45 14.97 27.94 42.92
C ALA D 45 14.94 29.48 42.77
N ILE D 46 13.81 30.01 42.31
CA ILE D 46 13.72 31.45 42.06
C ILE D 46 12.76 32.16 43.01
N SER D 47 12.18 31.42 43.96
CA SER D 47 11.24 32.02 44.92
C SER D 47 11.94 33.03 45.84
N SER D 48 13.25 32.81 46.04
CA SER D 48 14.10 33.69 46.83
C SER D 48 14.67 34.84 46.02
N ARG D 49 14.44 34.83 44.69
CA ARG D 49 14.99 35.85 43.81
C ARG D 49 14.09 37.07 43.74
N PRO D 50 14.69 38.27 43.75
CA PRO D 50 13.87 39.46 43.55
C PRO D 50 13.40 39.53 42.10
N SER D 51 12.18 39.98 41.86
CA SER D 51 11.69 40.15 40.48
C SER D 51 12.60 41.09 39.71
N LEU D 52 12.77 40.81 38.43
CA LEU D 52 13.62 41.66 37.61
C LEU D 52 12.83 42.86 37.14
N PHE D 53 11.50 42.79 37.29
CA PHE D 53 10.65 43.88 36.87
C PHE D 53 10.53 44.91 37.99
N ALA D 54 11.63 45.62 38.21
CA ALA D 54 11.71 46.66 39.22
C ALA D 54 12.90 47.54 38.86
N PHE D 55 12.89 48.78 39.35
CA PHE D 55 14.03 49.68 39.18
C PHE D 55 14.97 49.50 40.37
N PRO D 56 16.28 49.62 40.14
CA PRO D 56 16.84 49.88 38.81
C PRO D 56 16.82 48.65 37.91
N LEU D 57 16.65 48.89 36.60
CA LEU D 57 16.65 47.82 35.62
C LEU D 57 18.06 47.33 35.40
N PRO D 58 18.22 46.04 35.05
CA PRO D 58 19.54 45.55 34.65
C PRO D 58 20.03 46.37 33.48
N GLU D 59 21.34 46.50 33.27
CA GLU D 59 21.81 47.37 32.20
C GLU D 59 21.92 46.56 30.91
N ILE D 60 22.03 45.26 31.11
CA ILE D 60 21.94 44.32 30.00
C ILE D 60 20.52 43.78 29.97
N ARG D 61 19.83 43.96 28.86
CA ARG D 61 18.43 43.55 28.80
C ARG D 61 18.26 42.21 28.09
N ASP D 62 19.32 41.74 27.45
CA ASP D 62 19.31 40.48 26.72
C ASP D 62 20.61 39.72 26.95
N GLY D 63 20.52 38.45 27.34
CA GLY D 63 21.70 37.60 27.49
C GLY D 63 21.36 36.11 27.41
N TYR D 64 22.39 35.29 27.20
CA TYR D 64 22.20 33.85 27.09
C TYR D 64 21.82 33.26 28.43
N GLN D 65 20.96 32.25 28.40
CA GLN D 65 20.55 31.56 29.62
C GLN D 65 21.67 30.62 30.08
N SER D 66 22.54 30.25 29.13
CA SER D 66 23.75 29.49 29.44
C SER D 66 24.74 29.55 28.29
N THR D 73 24.09 25.63 16.50
CA THR D 73 24.35 26.20 15.18
C THR D 73 23.85 25.23 14.11
N GLU D 74 22.52 25.18 13.99
CA GLU D 74 21.82 24.35 13.01
C GLU D 74 21.31 25.26 11.89
N PHE D 75 21.68 26.54 12.00
CA PHE D 75 21.23 27.58 11.10
C PHE D 75 22.27 28.70 10.90
N THR D 76 22.14 29.42 9.79
CA THR D 76 22.94 30.61 9.58
C THR D 76 22.26 31.84 10.22
N THR D 77 23.05 32.88 10.48
CA THR D 77 22.52 34.12 11.06
C THR D 77 22.91 35.30 10.18
N LYS D 78 21.91 36.05 9.73
CA LYS D 78 22.15 37.32 9.08
C LYS D 78 21.54 38.48 9.86
N ILE D 79 22.39 39.41 10.29
CA ILE D 79 21.94 40.58 11.04
C ILE D 79 21.50 41.71 10.10
N LEU D 80 20.26 42.16 10.26
CA LEU D 80 19.69 43.14 9.34
C LEU D 80 19.41 44.48 10.03
N SER D 81 19.83 45.57 9.39
CA SER D 81 19.42 46.91 9.82
C SER D 81 18.40 47.45 8.83
N LEU D 82 17.14 47.42 9.20
CA LEU D 82 16.10 47.84 8.28
C LEU D 82 15.78 49.31 8.49
N PRO D 83 15.89 50.10 7.42
CA PRO D 83 15.63 51.54 7.48
C PRO D 83 14.14 51.80 7.45
N VAL D 84 13.41 51.32 8.45
CA VAL D 84 11.96 51.40 8.39
C VAL D 84 11.39 51.78 9.75
N GLY D 85 10.11 52.16 9.75
CA GLY D 85 9.39 52.48 10.98
C GLY D 85 9.68 53.89 11.48
N PRO D 86 8.95 54.34 12.52
CA PRO D 86 8.91 55.70 13.11
C PRO D 86 10.25 56.10 13.74
N THR D 87 11.10 55.10 13.96
CA THR D 87 12.38 55.29 14.57
C THR D 87 13.52 55.40 13.53
N GLY D 88 13.21 55.07 12.29
CA GLY D 88 14.19 55.06 11.20
C GLY D 88 15.04 53.79 11.11
N ASN D 89 15.01 52.97 12.15
CA ASN D 89 15.72 51.69 12.11
C ASN D 89 15.02 50.59 12.87
N VAL D 90 15.03 49.38 12.31
CA VAL D 90 14.63 48.19 13.06
C VAL D 90 15.67 47.11 12.83
N THR D 91 16.20 46.58 13.92
CA THR D 91 17.16 45.49 13.85
C THR D 91 16.38 44.18 13.77
N ALA D 92 16.75 43.32 12.82
CA ALA D 92 16.16 42.00 12.69
C ALA D 92 17.25 40.97 12.42
N TYR D 93 17.05 39.75 12.93
CA TYR D 93 17.94 38.64 12.65
C TYR D 93 17.19 37.63 11.80
N LEU D 94 17.76 37.32 10.64
CA LEU D 94 17.19 36.28 9.79
C LEU D 94 17.98 35.00 9.99
N TYR D 95 17.32 34.00 10.56
CA TYR D 95 17.93 32.71 10.79
C TYR D 95 17.41 31.71 9.73
N LYS D 96 18.33 31.04 9.03
CA LYS D 96 17.92 30.04 8.03
C LYS D 96 18.51 28.69 8.34
N PRO D 97 17.68 27.63 8.31
CA PRO D 97 18.22 26.29 8.55
C PRO D 97 19.23 25.93 7.47
N VAL D 98 20.22 25.13 7.84
CA VAL D 98 21.28 24.72 6.92
C VAL D 98 20.79 23.69 5.90
N SER D 99 21.48 23.64 4.76
CA SER D 99 21.15 22.70 3.69
C SER D 99 21.74 21.32 3.95
N ASP D 107 12.44 25.49 -2.68
CA ASP D 107 13.60 26.34 -2.98
C ASP D 107 13.70 27.61 -2.13
N LEU D 108 12.67 28.45 -2.17
CA LEU D 108 12.56 29.59 -1.26
C LEU D 108 12.06 29.05 0.07
N LEU D 109 12.71 29.41 1.17
CA LEU D 109 12.28 28.92 2.47
C LEU D 109 11.00 29.59 2.99
N PRO D 110 10.14 28.81 3.64
CA PRO D 110 9.05 29.45 4.40
C PRO D 110 9.69 30.29 5.51
N VAL D 111 8.98 31.28 6.04
CA VAL D 111 9.62 32.13 7.03
C VAL D 111 8.64 32.49 8.15
N ILE D 112 9.11 32.36 9.39
CA ILE D 112 8.34 32.73 10.57
C ILE D 112 8.80 34.09 11.12
N ALA D 113 7.94 35.10 11.05
CA ALA D 113 8.24 36.36 11.71
C ALA D 113 7.95 36.17 13.19
N TYR D 114 8.98 36.28 14.02
CA TYR D 114 8.83 36.01 15.44
C TYR D 114 9.00 37.28 16.28
N PHE D 115 8.05 37.52 17.19
CA PHE D 115 8.05 38.68 18.09
C PHE D 115 8.18 38.24 19.53
N HIS D 116 9.35 38.47 20.14
CA HIS D 116 9.66 37.88 21.44
C HIS D 116 8.99 38.58 22.62
N GLY D 117 8.90 37.86 23.74
CA GLY D 117 8.36 38.41 24.98
C GLY D 117 9.48 38.89 25.89
N GLY D 118 9.13 39.15 27.16
CA GLY D 118 10.04 39.75 28.12
C GLY D 118 9.45 41.07 28.58
N GLY D 119 8.13 41.18 28.47
CA GLY D 119 7.41 42.32 28.99
C GLY D 119 7.65 43.67 28.37
N TRP D 120 8.10 43.66 27.12
CA TRP D 120 8.48 44.84 26.35
C TRP D 120 9.74 45.51 26.90
N VAL D 121 10.22 45.04 28.05
CA VAL D 121 11.40 45.60 28.73
C VAL D 121 12.65 44.78 28.50
N PHE D 122 12.48 43.45 28.40
CA PHE D 122 13.61 42.54 28.24
C PHE D 122 13.51 41.69 26.98
N GLY D 123 14.61 40.99 26.70
CA GLY D 123 14.65 39.98 25.68
C GLY D 123 15.36 40.42 24.43
N GLY D 124 15.60 39.45 23.55
CA GLY D 124 16.31 39.64 22.32
C GLY D 124 16.79 38.28 21.83
N PRO D 125 17.63 38.27 20.79
CA PRO D 125 18.07 37.00 20.16
C PRO D 125 18.82 36.07 21.11
N LYS D 126 19.52 36.64 22.08
CA LYS D 126 20.35 35.84 22.98
C LYS D 126 19.47 35.04 23.94
N SER D 127 18.52 35.75 24.53
CA SER D 127 17.61 35.20 25.51
C SER D 127 16.65 34.18 24.90
N TYR D 128 16.41 34.32 23.60
CA TYR D 128 15.48 33.46 22.88
C TYR D 128 16.18 32.42 22.02
N ARG D 129 17.48 32.22 22.23
CA ARG D 129 18.24 31.31 21.38
C ARG D 129 17.66 29.89 21.37
N GLY D 130 17.23 29.42 22.54
CA GLY D 130 16.64 28.10 22.67
C GLY D 130 15.35 27.91 21.89
N LEU D 131 14.41 28.85 22.01
CA LEU D 131 13.16 28.74 21.28
C LEU D 131 13.40 28.88 19.77
N ILE D 132 14.25 29.82 19.39
CA ILE D 132 14.58 29.99 17.97
C ILE D 132 15.16 28.67 17.39
N THR D 133 16.07 28.05 18.13
CA THR D 133 16.65 26.77 17.71
C THR D 133 15.59 25.68 17.59
N ASN D 134 14.73 25.56 18.60
CA ASN D 134 13.62 24.62 18.56
C ASN D 134 12.72 24.84 17.34
N LEU D 135 12.31 26.09 17.11
CA LEU D 135 11.43 26.46 16.00
C LEU D 135 12.03 26.06 14.66
N ILE D 136 13.31 26.36 14.47
CA ILE D 136 13.97 26.04 13.24
C ILE D 136 14.10 24.53 13.04
N ARG D 137 14.46 23.81 14.09
CA ARG D 137 14.61 22.36 13.98
C ARG D 137 13.30 21.70 13.57
N GLU D 138 12.22 22.06 14.25
CA GLU D 138 10.93 21.40 14.07
C GLU D 138 10.15 21.90 12.85
N SER D 139 10.26 23.19 12.52
CA SER D 139 9.47 23.74 11.42
C SER D 139 10.17 23.60 10.07
N GLY D 140 11.50 23.57 10.08
CA GLY D 140 12.24 23.59 8.84
C GLY D 140 12.14 24.94 8.15
N ALA D 141 11.59 25.94 8.84
CA ALA D 141 11.44 27.29 8.26
C ALA D 141 12.56 28.25 8.69
N ALA D 142 12.71 29.33 7.93
CA ALA D 142 13.53 30.44 8.36
C ALA D 142 12.79 31.18 9.47
N VAL D 143 13.53 31.87 10.32
CA VAL D 143 12.94 32.71 11.36
C VAL D 143 13.41 34.16 11.22
N PHE D 144 12.45 35.07 11.08
CA PHE D 144 12.69 36.52 10.96
C PHE D 144 12.41 37.09 12.33
N PHE D 145 13.45 37.25 13.13
CA PHE D 145 13.33 37.64 14.54
C PHE D 145 13.53 39.14 14.69
N VAL D 146 12.46 39.85 15.04
CA VAL D 146 12.53 41.31 15.13
C VAL D 146 13.08 41.75 16.50
N ASP D 147 14.24 42.40 16.49
CA ASP D 147 14.84 42.85 17.73
C ASP D 147 14.40 44.29 17.99
N TYR D 148 13.11 44.47 18.30
CA TYR D 148 12.52 45.81 18.45
C TYR D 148 13.11 46.54 19.65
N THR D 149 12.95 47.87 19.67
CA THR D 149 13.49 48.68 20.77
C THR D 149 12.68 48.46 22.03
N LEU D 150 13.35 48.27 23.15
CA LEU D 150 12.71 47.95 24.42
C LEU D 150 12.29 49.19 25.22
N THR D 151 11.30 49.02 26.09
CA THR D 151 10.92 50.07 27.02
C THR D 151 11.94 50.20 28.17
N PRO D 152 12.08 51.40 28.75
CA PRO D 152 11.34 52.62 28.39
C PRO D 152 12.07 53.55 27.41
N LYS D 153 13.04 53.07 26.64
CA LYS D 153 13.62 53.91 25.57
C LYS D 153 12.55 54.38 24.62
N VAL D 154 11.62 53.50 24.31
CA VAL D 154 10.43 53.88 23.58
C VAL D 154 9.26 53.36 24.39
N ALA D 155 8.05 53.72 23.97
CA ALA D 155 6.83 53.19 24.56
C ALA D 155 5.86 52.86 23.42
N TYR D 156 4.75 52.23 23.76
CA TYR D 156 3.65 52.03 22.83
C TYR D 156 3.36 53.35 22.11
N PRO D 157 3.10 53.31 20.79
CA PRO D 157 3.03 52.12 19.91
C PRO D 157 4.30 51.82 19.11
N VAL D 158 5.45 52.31 19.56
CA VAL D 158 6.67 52.17 18.75
C VAL D 158 7.11 50.70 18.53
N PRO D 159 7.12 49.88 19.60
CA PRO D 159 7.45 48.48 19.31
C PRO D 159 6.48 47.83 18.32
N ASN D 160 5.19 48.12 18.48
CA ASN D 160 4.18 47.63 17.52
C ASN D 160 4.52 48.07 16.12
N GLU D 161 4.85 49.35 15.97
CA GLU D 161 5.12 49.90 14.65
C GLU D 161 6.43 49.37 14.07
N GLN D 162 7.41 49.14 14.94
CA GLN D 162 8.66 48.54 14.47
C GLN D 162 8.42 47.13 13.92
N CYS D 163 7.69 46.33 14.68
CA CYS D 163 7.37 44.96 14.27
C CYS D 163 6.57 44.94 12.97
N TYR D 164 5.55 45.79 12.88
CA TYR D 164 4.76 45.90 11.66
C TYR D 164 5.64 46.31 10.47
N ALA D 165 6.45 47.35 10.64
CA ALA D 165 7.27 47.85 9.54
C ALA D 165 8.32 46.83 9.11
N ALA D 166 8.86 46.06 10.06
CA ALA D 166 9.82 45.02 9.73
C ALA D 166 9.18 43.96 8.83
N VAL D 167 7.93 43.63 9.13
CA VAL D 167 7.17 42.70 8.30
C VAL D 167 6.95 43.29 6.90
N GLN D 168 6.64 44.58 6.78
CA GLN D 168 6.45 45.16 5.45
C GLN D 168 7.75 45.09 4.63
N TRP D 169 8.89 45.31 5.27
CA TRP D 169 10.18 45.20 4.62
C TRP D 169 10.41 43.75 4.14
N LEU D 170 10.10 42.79 5.00
CA LEU D 170 10.23 41.38 4.68
C LEU D 170 9.35 41.01 3.47
N LEU D 171 8.13 41.51 3.45
CA LEU D 171 7.24 41.24 2.31
C LEU D 171 7.86 41.73 1.00
N GLU D 172 8.56 42.88 1.04
CA GLU D 172 9.08 43.44 -0.21
C GLU D 172 10.43 42.82 -0.62
N HIS D 173 11.27 42.49 0.36
CA HIS D 173 12.67 42.14 0.06
C HIS D 173 13.05 40.70 0.42
N GLY D 174 12.12 39.96 1.02
CA GLY D 174 12.43 38.64 1.53
C GLY D 174 12.97 37.70 0.48
N GLU D 175 12.38 37.76 -0.72
CA GLU D 175 12.72 36.86 -1.81
C GLU D 175 14.21 36.94 -2.15
N LYS D 176 14.78 38.13 -2.08
CA LYS D 176 16.20 38.30 -2.35
C LYS D 176 17.06 37.76 -1.23
N LEU D 177 16.43 37.40 -0.11
CA LEU D 177 17.17 36.79 0.99
C LEU D 177 16.95 35.28 1.06
N GLY D 178 16.20 34.73 0.12
CA GLY D 178 16.00 33.30 0.01
C GLY D 178 14.82 32.76 0.79
N VAL D 179 13.88 33.63 1.16
CA VAL D 179 12.67 33.17 1.83
C VAL D 179 11.46 33.59 0.99
N ASP D 180 10.34 32.92 1.20
CA ASP D 180 9.10 33.20 0.47
C ASP D 180 8.11 33.92 1.37
N PRO D 181 8.02 35.25 1.24
CA PRO D 181 7.17 36.06 2.11
C PRO D 181 5.68 35.75 1.94
N THR D 182 5.32 35.03 0.88
CA THR D 182 3.95 34.59 0.67
C THR D 182 3.68 33.30 1.44
N ASN D 183 4.72 32.73 2.04
CA ASN D 183 4.56 31.61 2.96
C ASN D 183 5.03 31.97 4.35
N MET D 184 4.32 32.87 5.00
CA MET D 184 4.80 33.49 6.21
C MET D 184 4.01 33.04 7.42
N GLY D 185 4.71 32.82 8.52
CA GLY D 185 4.02 32.62 9.79
C GLY D 185 4.29 33.79 10.72
N PHE D 186 3.39 34.02 11.67
CA PHE D 186 3.65 34.90 12.82
C PHE D 186 3.73 34.05 14.07
N GLY D 187 4.69 34.35 14.94
CA GLY D 187 4.71 33.79 16.28
C GLY D 187 5.08 34.84 17.31
N GLY D 188 4.59 34.67 18.54
CA GLY D 188 4.97 35.55 19.63
C GLY D 188 4.54 35.00 20.96
N ASP D 189 5.34 35.25 21.99
CA ASP D 189 5.04 34.78 23.33
C ASP D 189 4.85 35.96 24.28
N SER D 190 3.81 35.87 25.11
CA SER D 190 3.56 36.86 26.15
C SER D 190 3.40 38.27 25.57
N ALA D 191 4.30 39.18 25.94
CA ALA D 191 4.33 40.52 25.35
C ALA D 191 4.48 40.42 23.84
N GLY D 192 5.25 39.45 23.38
CA GLY D 192 5.40 39.21 21.95
C GLY D 192 4.13 38.69 21.32
N GLY D 193 3.27 38.09 22.14
CA GLY D 193 1.95 37.65 21.69
C GLY D 193 1.03 38.84 21.49
N GLU D 194 1.19 39.85 22.33
CA GLU D 194 0.52 41.13 22.15
C GLU D 194 0.97 41.74 20.82
N LEU D 195 2.28 41.70 20.57
CA LEU D 195 2.84 42.27 19.35
C LEU D 195 2.41 41.49 18.09
N SER D 196 2.41 40.17 18.16
CA SER D 196 1.98 39.37 17.00
C SER D 196 0.54 39.71 16.61
N SER D 197 -0.35 39.68 17.59
CA SER D 197 -1.75 39.94 17.30
C SER D 197 -1.97 41.43 16.96
N SER D 198 -1.16 42.31 17.53
CA SER D 198 -1.22 43.72 17.15
C SER D 198 -0.82 43.91 15.68
N VAL D 199 0.25 43.24 15.27
CA VAL D 199 0.70 43.34 13.88
C VAL D 199 -0.34 42.74 12.92
N SER D 200 -0.96 41.64 13.34
CA SER D 200 -2.08 41.08 12.58
C SER D 200 -3.19 42.13 12.46
N LEU D 201 -3.58 42.74 13.59
CA LEU D 201 -4.65 43.72 13.58
C LEU D 201 -4.27 44.94 12.70
N LEU D 202 -3.01 45.39 12.78
CA LEU D 202 -2.57 46.52 11.95
C LEU D 202 -2.58 46.17 10.46
N SER D 203 -2.23 44.92 10.12
CA SER D 203 -2.28 44.48 8.72
C SER D 203 -3.69 44.55 8.17
N ILE D 204 -4.66 44.19 9.00
CA ILE D 204 -6.05 44.23 8.59
C ILE D 204 -6.49 45.70 8.38
N LYS D 205 -6.18 46.57 9.33
CA LYS D 205 -6.50 48.00 9.25
C LYS D 205 -5.84 48.68 8.06
N ARG D 206 -4.66 48.22 7.69
CA ARG D 206 -3.86 48.88 6.68
C ARG D 206 -3.85 48.14 5.34
N LYS D 207 -4.64 47.07 5.25
CA LYS D 207 -4.75 46.27 4.02
C LYS D 207 -3.45 45.75 3.46
N THR D 208 -2.61 45.19 4.34
CA THR D 208 -1.36 44.58 3.89
C THR D 208 -1.43 43.09 4.21
N PRO D 209 -0.62 42.26 3.54
CA PRO D 209 -0.78 40.79 3.65
C PRO D 209 -0.64 40.21 5.05
N LEU D 210 -1.58 39.32 5.37
CA LEU D 210 -1.55 38.57 6.62
C LEU D 210 -0.71 37.32 6.45
N PRO D 211 -0.19 36.77 7.55
CA PRO D 211 0.51 35.47 7.45
C PRO D 211 -0.49 34.33 7.20
N LYS D 212 -0.01 33.18 6.74
CA LYS D 212 -0.86 32.00 6.52
C LYS D 212 -1.30 31.41 7.85
N PHE D 213 -0.47 31.62 8.86
CA PHE D 213 -0.66 30.95 10.13
C PHE D 213 -0.02 31.73 11.26
N GLN D 214 -0.68 31.76 12.41
CA GLN D 214 -0.20 32.54 13.55
C GLN D 214 -0.22 31.73 14.84
N VAL D 215 0.86 31.78 15.60
CA VAL D 215 0.91 31.11 16.88
C VAL D 215 1.07 32.12 18.02
N LEU D 216 0.16 32.09 18.99
CA LEU D 216 0.22 32.95 20.16
C LEU D 216 0.49 32.09 21.40
N ILE D 217 1.61 32.34 22.07
CA ILE D 217 2.02 31.58 23.23
C ILE D 217 1.79 32.40 24.49
N TYR D 218 0.89 31.92 25.38
CA TYR D 218 0.40 32.63 26.57
C TYR D 218 0.40 34.17 26.34
N PRO D 219 -0.37 34.62 25.34
CA PRO D 219 -0.27 36.02 24.95
C PRO D 219 -0.92 37.01 25.92
N ALA D 220 -0.37 38.22 26.00
CA ALA D 220 -1.09 39.33 26.58
C ALA D 220 -2.00 39.85 25.49
N THR D 221 -3.31 39.93 25.76
CA THR D 221 -4.22 40.40 24.74
C THR D 221 -5.03 41.62 25.21
N ASP D 222 -5.04 41.85 26.52
CA ASP D 222 -5.81 42.94 27.10
C ASP D 222 -5.00 43.60 28.21
N LEU D 223 -4.49 44.79 27.95
CA LEU D 223 -3.62 45.47 28.92
C LEU D 223 -4.43 46.32 29.90
N ALA D 224 -5.69 46.52 29.60
CA ALA D 224 -6.53 47.42 30.39
C ALA D 224 -7.22 46.71 31.54
N CYS D 225 -7.73 45.50 31.27
CA CYS D 225 -8.59 44.81 32.24
C CYS D 225 -7.89 43.66 32.95
N GLU D 226 -8.31 43.36 34.18
CA GLU D 226 -7.85 42.16 34.86
C GLU D 226 -8.88 41.04 34.69
N SER D 227 -8.40 39.81 34.55
CA SER D 227 -9.29 38.69 34.27
C SER D 227 -9.31 37.75 35.46
N ALA D 228 -10.20 36.78 35.42
CA ALA D 228 -10.40 35.84 36.53
C ALA D 228 -9.10 35.23 37.05
N THR D 229 -8.20 34.85 36.14
CA THR D 229 -6.98 34.17 36.56
C THR D 229 -5.97 35.10 37.24
N PHE D 230 -6.17 36.42 37.13
CA PHE D 230 -5.39 37.39 37.93
C PHE D 230 -5.62 37.13 39.41
N LYS D 231 -6.87 36.90 39.79
CA LYS D 231 -7.18 36.60 41.18
C LYS D 231 -6.70 35.20 41.57
N GLU D 232 -6.76 34.27 40.62
CA GLU D 232 -6.41 32.89 40.93
C GLU D 232 -4.92 32.71 41.11
N PHE D 233 -4.11 33.39 40.29
CA PHE D 233 -2.67 33.26 40.42
C PHE D 233 -1.96 34.60 40.59
N PRO D 234 -2.37 35.41 41.60
CA PRO D 234 -1.89 36.79 41.74
C PRO D 234 -0.36 36.86 41.85
N ASN D 235 0.29 35.87 42.44
CA ASN D 235 1.75 35.82 42.30
C ASN D 235 2.18 34.41 41.95
N GLY D 236 1.19 33.57 41.59
CA GLY D 236 1.41 32.18 41.19
C GLY D 236 2.61 32.19 40.29
N PRO D 237 3.54 31.26 40.49
CA PRO D 237 4.93 31.43 40.04
C PRO D 237 5.05 31.69 38.53
N GLY D 238 6.19 32.24 38.11
CA GLY D 238 6.47 32.45 36.69
C GLY D 238 6.08 33.82 36.15
N LEU D 239 5.00 34.37 36.71
CA LEU D 239 4.47 35.67 36.34
C LEU D 239 3.53 36.13 37.44
N THR D 240 3.78 37.32 37.98
CA THR D 240 2.94 37.88 39.02
C THR D 240 2.13 39.06 38.50
N THR D 241 1.06 39.39 39.22
CA THR D 241 0.23 40.53 38.86
C THR D 241 1.03 41.85 39.01
N ASP D 242 1.97 41.89 39.95
CA ASP D 242 2.81 43.07 40.09
C ASP D 242 3.69 43.26 38.85
N GLU D 243 4.26 42.17 38.35
CA GLU D 243 5.10 42.24 37.15
C GLU D 243 4.28 42.68 35.93
N ILE D 244 3.04 42.23 35.84
CA ILE D 244 2.17 42.64 34.75
C ILE D 244 1.94 44.16 34.77
N ARG D 245 1.64 44.69 35.95
CA ARG D 245 1.40 46.12 36.07
C ARG D 245 2.67 46.92 35.81
N PHE D 246 3.80 46.42 36.31
CA PHE D 246 5.09 47.09 36.06
C PHE D 246 5.34 47.20 34.55
N ALA D 247 5.17 46.10 33.83
CA ALA D 247 5.42 46.10 32.38
C ALA D 247 4.49 47.06 31.67
N ALA D 248 3.22 47.03 32.04
CA ALA D 248 2.24 47.90 31.40
C ALA D 248 2.51 49.37 31.72
N SER D 249 3.09 49.65 32.88
CA SER D 249 3.33 51.04 33.27
C SER D 249 4.48 51.64 32.44
N LEU D 250 5.40 50.81 31.96
CA LEU D 250 6.47 51.32 31.10
C LEU D 250 6.07 51.35 29.62
N PHE D 251 5.27 50.36 29.20
CA PHE D 251 4.91 50.22 27.79
C PHE D 251 3.75 51.17 27.43
N THR D 252 2.78 51.25 28.32
CA THR D 252 1.63 52.13 28.18
C THR D 252 1.47 52.96 29.47
N PRO D 253 2.34 53.97 29.67
CA PRO D 253 2.28 54.75 30.92
C PRO D 253 0.91 55.43 31.10
N ASP D 254 0.29 55.81 30.00
CA ASP D 254 -1.06 56.36 30.03
C ASP D 254 -2.10 55.23 29.91
N PRO D 255 -2.84 54.94 30.99
CA PRO D 255 -3.79 53.83 31.00
C PRO D 255 -4.84 53.89 29.89
N LYS D 256 -5.11 55.08 29.35
CA LYS D 256 -6.11 55.15 28.31
C LYS D 256 -5.58 54.47 27.03
N SER D 257 -4.26 54.38 26.89
CA SER D 257 -3.68 53.68 25.75
C SER D 257 -4.06 52.19 25.75
N ARG D 258 -4.22 51.62 26.95
CA ARG D 258 -4.49 50.21 27.14
C ARG D 258 -5.86 49.80 26.61
N LEU D 259 -6.72 50.80 26.39
CA LEU D 259 -8.07 50.55 25.89
C LEU D 259 -8.08 50.44 24.37
N GLU D 260 -7.02 50.91 23.73
CA GLU D 260 -6.91 50.91 22.28
C GLU D 260 -6.70 49.49 21.74
N ASP D 261 -7.31 49.20 20.62
CA ASP D 261 -7.27 47.84 20.07
C ASP D 261 -5.86 47.47 19.62
N VAL D 262 -5.10 48.42 19.10
CA VAL D 262 -3.73 48.14 18.69
C VAL D 262 -2.86 47.73 19.89
N ALA D 263 -3.08 48.34 21.05
CA ALA D 263 -2.36 47.93 22.25
C ALA D 263 -2.90 46.61 22.78
N SER D 264 -4.23 46.46 22.72
CA SER D 264 -4.93 45.34 23.31
C SER D 264 -5.82 44.70 22.26
N PRO D 265 -5.25 43.82 21.42
CA PRO D 265 -6.07 43.29 20.32
C PRO D 265 -7.27 42.45 20.80
N GLY D 266 -7.26 41.99 22.04
CA GLY D 266 -8.43 41.34 22.64
C GLY D 266 -9.67 42.22 22.65
N ARG D 267 -9.46 43.53 22.49
CA ARG D 267 -10.53 44.52 22.51
C ARG D 267 -10.89 45.02 21.13
N ALA D 268 -10.35 44.39 20.08
CA ALA D 268 -10.64 44.81 18.72
C ALA D 268 -12.09 44.52 18.40
N SER D 269 -12.56 45.10 17.30
CA SER D 269 -13.95 44.88 16.87
C SER D 269 -14.15 43.47 16.28
N ASP D 270 -15.38 42.99 16.35
CA ASP D 270 -15.76 41.73 15.72
C ASP D 270 -15.34 41.72 14.26
N GLU D 271 -15.58 42.83 13.58
CA GLU D 271 -15.32 42.92 12.17
C GLU D 271 -13.83 42.78 11.83
N ASP D 272 -12.96 43.36 12.65
CA ASP D 272 -11.52 43.24 12.41
C ASP D 272 -11.03 41.83 12.77
N LEU D 273 -11.44 41.34 13.93
CA LEU D 273 -10.97 40.06 14.42
C LEU D 273 -11.41 38.91 13.52
N ALA D 274 -12.58 39.07 12.89
CA ALA D 274 -13.11 38.05 11.99
C ALA D 274 -12.18 37.83 10.80
N LYS D 275 -11.27 38.77 10.57
CA LYS D 275 -10.35 38.65 9.46
C LYS D 275 -8.98 38.15 9.89
N PHE D 276 -8.82 37.74 11.14
CA PHE D 276 -7.53 37.24 11.61
C PHE D 276 -7.10 35.99 10.86
N PRO D 277 -5.78 35.77 10.75
CA PRO D 277 -5.30 34.55 10.11
C PRO D 277 -5.61 33.35 11.01
N GLU D 278 -5.57 32.15 10.43
CA GLU D 278 -5.73 30.95 11.23
C GLU D 278 -4.70 30.97 12.35
N THR D 279 -5.17 30.68 13.56
CA THR D 279 -4.39 30.92 14.75
C THR D 279 -4.38 29.74 15.74
N LEU D 280 -3.21 29.40 16.23
CA LEU D 280 -3.07 28.47 17.34
C LEU D 280 -2.67 29.22 18.60
N ILE D 281 -3.43 29.03 19.68
CA ILE D 281 -3.10 29.62 20.96
C ILE D 281 -2.76 28.52 21.95
N VAL D 282 -1.61 28.66 22.59
CA VAL D 282 -1.17 27.75 23.63
C VAL D 282 -1.03 28.52 24.93
N VAL D 283 -1.60 28.03 26.03
CA VAL D 283 -1.49 28.71 27.31
C VAL D 283 -0.98 27.79 28.39
N ALA D 284 -0.35 28.38 29.41
CA ALA D 284 0.07 27.68 30.61
C ALA D 284 -1.09 27.66 31.60
N GLU D 285 -1.20 26.58 32.38
CA GLU D 285 -2.30 26.44 33.33
C GLU D 285 -2.16 27.40 34.51
N VAL D 286 -0.97 27.45 35.10
CA VAL D 286 -0.72 28.23 36.30
C VAL D 286 -0.11 29.56 35.88
N ASP D 287 -0.98 30.54 35.65
CA ASP D 287 -0.59 31.77 34.95
C ASP D 287 -1.70 32.81 35.04
N PRO D 288 -1.42 33.99 35.63
CA PRO D 288 -2.39 35.08 35.74
C PRO D 288 -2.98 35.49 34.40
N ILE D 289 -2.19 35.37 33.33
CA ILE D 289 -2.59 35.85 32.01
C ILE D 289 -3.33 34.78 31.17
N ARG D 290 -3.51 33.60 31.76
CA ARG D 290 -4.13 32.47 31.04
C ARG D 290 -5.50 32.81 30.44
N GLN D 291 -6.33 33.49 31.21
CA GLN D 291 -7.70 33.79 30.79
C GLN D 291 -7.72 34.62 29.49
N GLN D 292 -6.75 35.51 29.35
CA GLN D 292 -6.69 36.40 28.18
C GLN D 292 -6.56 35.64 26.88
N GLY D 293 -5.60 34.71 26.84
CA GLY D 293 -5.42 33.87 25.68
C GLY D 293 -6.62 33.00 25.36
N GLU D 294 -7.20 32.38 26.39
CA GLU D 294 -8.36 31.50 26.17
C GLU D 294 -9.59 32.28 25.67
N ASP D 295 -9.89 33.41 26.31
CA ASP D 295 -11.01 34.26 25.86
C ASP D 295 -10.77 34.77 24.45
N PHE D 296 -9.53 35.16 24.14
CA PHE D 296 -9.23 35.67 22.81
C PHE D 296 -9.50 34.58 21.76
N GLY D 297 -9.04 33.37 22.04
CA GLY D 297 -9.28 32.26 21.13
C GLY D 297 -10.77 31.97 20.96
N ARG D 298 -11.50 31.98 22.07
CA ARG D 298 -12.94 31.75 22.00
C ARG D 298 -13.60 32.81 21.14
N ARG D 299 -13.12 34.03 21.27
CA ARG D 299 -13.62 35.12 20.47
C ARG D 299 -13.33 34.87 18.98
N LEU D 300 -12.12 34.42 18.67
CA LEU D 300 -11.80 34.08 17.29
C LEU D 300 -12.70 32.93 16.77
N GLN D 301 -12.94 31.94 17.61
CA GLN D 301 -13.73 30.78 17.18
C GLN D 301 -15.14 31.21 16.79
N LYS D 302 -15.77 31.99 17.66
CA LYS D 302 -17.11 32.54 17.42
C LYS D 302 -17.21 33.36 16.12
N LEU D 303 -16.15 34.08 15.77
CA LEU D 303 -16.20 34.94 14.59
C LEU D 303 -15.89 34.18 13.32
N GLY D 304 -15.66 32.88 13.44
CA GLY D 304 -15.50 32.02 12.27
C GLY D 304 -14.06 31.90 11.82
N VAL D 305 -13.13 32.33 12.66
CA VAL D 305 -11.70 32.13 12.40
C VAL D 305 -11.32 30.73 12.83
N ARG D 306 -10.55 30.01 12.02
CA ARG D 306 -10.01 28.74 12.49
C ARG D 306 -9.01 28.97 13.61
N ALA D 307 -9.40 28.65 14.83
CA ALA D 307 -8.56 28.91 16.00
C ALA D 307 -8.52 27.70 16.93
N ALA D 308 -7.31 27.21 17.19
CA ALA D 308 -7.12 26.13 18.15
C ALA D 308 -6.60 26.69 19.47
N ILE D 309 -7.15 26.22 20.58
CA ILE D 309 -6.71 26.67 21.89
C ILE D 309 -6.38 25.49 22.77
N ILE D 310 -5.16 25.49 23.28
CA ILE D 310 -4.68 24.38 24.05
C ILE D 310 -4.10 24.86 25.37
N ARG D 311 -4.53 24.25 26.47
CA ARG D 311 -4.01 24.55 27.79
C ARG D 311 -3.07 23.44 28.25
N VAL D 312 -1.85 23.82 28.65
CA VAL D 312 -0.86 22.85 29.11
C VAL D 312 -0.88 22.79 30.63
N LEU D 313 -1.19 21.62 31.18
CA LEU D 313 -1.36 21.51 32.62
C LEU D 313 -0.02 21.42 33.35
N GLY D 314 0.03 21.95 34.56
CA GLY D 314 1.20 21.78 35.40
C GLY D 314 2.42 22.63 35.08
N THR D 315 2.26 23.62 34.20
CA THR D 315 3.38 24.47 33.83
C THR D 315 3.00 25.95 34.00
N ILE D 316 3.96 26.85 33.83
CA ILE D 316 3.76 28.26 34.18
C ILE D 316 4.18 29.17 33.05
N HIS D 317 3.90 30.46 33.21
CA HIS D 317 4.28 31.46 32.22
C HIS D 317 5.75 31.36 31.86
N GLY D 318 6.06 31.45 30.58
CA GLY D 318 7.44 31.43 30.16
C GLY D 318 8.00 30.06 29.73
N PHE D 319 7.18 29.01 29.78
CA PHE D 319 7.72 27.66 29.55
C PHE D 319 8.32 27.46 28.16
N ALA D 320 7.90 28.27 27.20
CA ALA D 320 8.38 28.08 25.83
C ALA D 320 9.79 28.63 25.58
N SER D 321 10.24 29.59 26.40
CA SER D 321 11.55 30.19 26.14
C SER D 321 12.57 29.98 27.26
N ILE D 322 12.12 29.61 28.45
CA ILE D 322 13.05 29.36 29.55
C ILE D 322 13.57 27.92 29.43
N ASP D 323 14.88 27.76 29.20
CA ASP D 323 15.50 26.48 28.87
C ASP D 323 15.06 25.33 29.75
N VAL D 324 15.17 25.53 31.07
CA VAL D 324 14.85 24.50 32.05
C VAL D 324 13.38 24.09 31.99
N LEU D 325 12.46 25.06 31.92
CA LEU D 325 11.03 24.79 31.85
C LEU D 325 10.63 24.09 30.53
N SER D 326 11.37 24.40 29.47
CA SER D 326 11.05 23.97 28.12
C SER D 326 11.31 22.48 27.92
N GLU D 327 12.02 21.87 28.86
CA GLU D 327 12.33 20.46 28.74
C GLU D 327 11.33 19.58 29.49
N ALA D 328 10.47 20.19 30.30
CA ALA D 328 9.39 19.46 30.96
C ALA D 328 8.46 18.91 29.87
N PRO D 329 7.79 17.77 30.14
CA PRO D 329 7.06 17.07 29.07
C PRO D 329 6.01 17.90 28.31
N GLY D 330 5.09 18.56 29.01
CA GLY D 330 4.05 19.33 28.35
C GLY D 330 4.64 20.46 27.53
N ALA D 331 5.61 21.16 28.12
CA ALA D 331 6.27 22.26 27.43
C ALA D 331 6.94 21.77 26.18
N LYS D 332 7.71 20.69 26.34
CA LYS D 332 8.46 20.15 25.22
C LYS D 332 7.52 19.74 24.09
N ALA D 333 6.42 19.10 24.47
CA ALA D 333 5.45 18.61 23.49
C ALA D 333 4.83 19.76 22.73
N THR D 334 4.50 20.84 23.44
CA THR D 334 3.79 21.91 22.77
C THR D 334 4.74 22.78 21.95
N ILE D 335 6.00 22.88 22.35
CA ILE D 335 7.00 23.56 21.53
C ILE D 335 7.21 22.81 20.20
N GLU D 336 7.27 21.48 20.25
CA GLU D 336 7.39 20.78 18.96
C GLU D 336 6.06 20.81 18.19
N LEU D 337 4.92 20.78 18.87
CA LEU D 337 3.65 21.00 18.17
C LEU D 337 3.69 22.33 17.39
N ILE D 338 4.12 23.39 18.07
CA ILE D 338 4.20 24.71 17.43
C ILE D 338 5.06 24.68 16.17
N GLY D 339 6.27 24.15 16.27
CA GLY D 339 7.14 24.06 15.11
C GLY D 339 6.54 23.20 14.00
N TYR D 340 5.99 22.05 14.39
CA TYR D 340 5.41 21.11 13.45
C TYR D 340 4.24 21.76 12.69
N LYS D 341 3.41 22.52 13.40
CA LYS D 341 2.26 23.15 12.77
C LYS D 341 2.68 24.28 11.83
N PHE D 342 3.77 24.99 12.12
CA PHE D 342 4.31 25.93 11.16
C PHE D 342 4.76 25.18 9.90
N LYS D 343 5.40 24.03 10.10
CA LYS D 343 5.85 23.22 8.96
C LYS D 343 4.69 22.83 8.04
N LYS D 344 3.60 22.39 8.66
CA LYS D 344 2.42 21.92 7.93
C LYS D 344 1.65 23.07 7.29
N ALA D 345 1.56 24.20 7.98
CA ALA D 345 0.77 25.32 7.47
C ALA D 345 1.48 26.10 6.37
N LEU D 346 2.81 26.16 6.41
CA LEU D 346 3.50 27.08 5.52
C LEU D 346 4.02 26.41 4.25
N HIS D 347 3.08 25.96 3.43
CA HIS D 347 3.37 25.53 2.07
C HIS D 347 2.05 25.40 1.32
C25 TRT E . 8.81 -17.56 -50.02
O24 TRT E . 8.88 -17.12 -48.66
C23 TRT E . 8.43 -18.15 -47.75
C22 TRT E . 9.23 -18.10 -46.43
O21 TRT E . 8.37 -18.13 -45.28
C20 TRT E . 7.93 -19.46 -44.99
C19 TRT E . 8.62 -19.98 -43.72
O18 TRT E . 8.16 -19.31 -42.54
C17 TRT E . 7.10 -20.06 -41.91
C16 TRT E . 7.63 -21.37 -41.34
O15 TRT E . 7.33 -22.44 -42.24
C12 TRT E . 8.11 -23.55 -42.06
C13 TRT E . 9.30 -23.51 -41.33
C14 TRT E . 10.07 -24.66 -41.18
C11 TRT E . 7.70 -24.75 -42.65
C10 TRT E . 8.47 -25.89 -42.51
C9 TRT E . 9.64 -25.87 -41.75
C6 TRT E . 10.40 -27.04 -41.62
C8 TRT E . 11.75 -26.57 -41.20
C7 TRT E . 10.37 -27.68 -43.02
C5 TRT E . 9.95 -28.01 -40.49
C1 TRT E . 10.79 -29.32 -40.13
C2 TRT E . 12.27 -29.24 -39.79
C4 TRT E . 10.77 -30.34 -41.22
C3 TRT E . 10.11 -29.91 -38.93
C25 TRT F . 16.33 39.85 32.14
O24 TRT F . 16.13 38.67 31.34
C23 TRT F . 14.74 38.44 31.10
C22 TRT F . 14.57 37.56 29.85
O21 TRT F . 13.18 37.23 29.68
C20 TRT F . 12.96 36.91 28.31
C19 TRT F . 12.06 35.67 28.24
O18 TRT F . 10.81 35.99 28.83
C17 TRT F . 10.42 34.98 29.75
C16 TRT F . 9.00 35.30 30.18
O15 TRT F . 8.47 36.25 29.23
C12 TRT F . 7.74 37.24 29.88
C13 TRT F . 7.75 37.34 31.26
C14 TRT F . 7.02 38.33 31.90
C11 TRT F . 7.01 38.14 29.12
C10 TRT F . 6.27 39.13 29.77
C9 TRT F . 6.27 39.25 31.16
C6 TRT F . 5.53 40.22 31.84
C8 TRT F . 6.07 41.59 31.70
C7 TRT F . 5.88 40.10 33.31
C5 TRT F . 3.99 40.11 31.61
C1 TRT F . 3.19 40.77 30.42
C2 TRT F . 2.42 41.96 30.95
C4 TRT F . 2.16 39.74 29.95
C3 TRT F . 3.96 41.19 29.19
#